data_8KB5
#
_entry.id   8KB5
#
loop_
_entity.id
_entity.type
_entity.pdbx_description
1 polymer 'Histone H3.8'
2 polymer 'Histone H4'
3 polymer 'Histone H2A type 1-B/E'
4 polymer 'Histone H2B type 1-J'
5 polymer 'DNA (145-MER)'
6 polymer 'DNA (145-MER)'
#
loop_
_entity_poly.entity_id
_entity_poly.type
_entity_poly.pdbx_seq_one_letter_code
_entity_poly.pdbx_strand_id
1 'polypeptide(L)'
;GSHMARTRWTARKSTGGIAPRKQLATKATCKSAPSTGGVKKPHRYRPGTVALREIRHYQKSTELLIRKLPFQRLVREIAQ
DFKTDLRFQRAAIGTLQEASEAYLVGLFEDTNLCAIHATRVTIMPKDIQLARHIRGERVSEYTMM
;
A,E
2 'polypeptide(L)'
;GSHMSGRGKGGKGLGKGGAKRHRKVLRDNIQGITKPAIRRLARRGGVKRISGLIYEETRGVLKVFLENVIRDAVTYTEHA
KRKTVTAMDVVYALKRQGRTLYGFGG
;
B,F
3 'polypeptide(L)'
;GSHMSGRGKQGGKARAKAKTRSSRAGLQFPVGRVHRLLRKGNYSERVGAGAPVYLAAVLEYLTAEILELAGNAARDNKKT
RIIPRHLQLAIRNDEELNKLLGRVTIAQGGVLPNIQAVLLPKKTESHHKAKGK
;
C,G
4 'polypeptide(L)'
;GSHMPEPAKSAPAPKKGSKKAVTKAQKKDGKKRKRSRKESYSIYVYKVLKQVHPDTGISSKAMGIMNSFVNDIFERIAGE
ASRLAHYNKRSTITSREIQTAVRLLLPGELAKHAVSEGTKAVTKYTSAK
;
D,H
5 'polydeoxyribonucleotide'
;(DA)(DT)(DC)(DA)(DC)(DA)(DA)(DT)(DC)(DC)(DC)(DG)(DG)(DT)(DG)(DC)(DC)(DG)(DA)(DG)
(DG)(DC)(DC)(DG)(DC)(DT)(DC)(DA)(DA)(DT)(DT)(DG)(DG)(DT)(DC)(DG)(DT)(DA)(DG)(DA)
(DC)(DA)(DG)(DC)(DT)(DC)(DT)(DA)(DG)(DC)(DA)(DC)(DC)(DG)(DC)(DT)(DT)(DA)(DA)(DA)
(DC)(DG)(DC)(DA)(DC)(DG)(DT)(DA)(DC)(DG)(DG)(DA)(DA)(DT)(DC)(DC)(DG)(DT)(DA)(DC)
(DG)(DT)(DG)(DC)(DG)(DT)(DT)(DT)(DA)(DA)(DG)(DC)(DG)(DG)(DT)(DG)(DC)(DT)(DA)(DG)
(DA)(DG)(DC)(DT)(DG)(DT)(DC)(DT)(DA)(DC)(DG)(DA)(DC)(DC)(DA)(DA)(DT)(DT)(DG)(DA)
(DG)(DC)(DG)(DG)(DC)(DC)(DT)(DC)(DG)(DG)(DC)(DA)(DC)(DC)(DG)(DG)(DG)(DA)(DT)(DT)
(DG)(DT)(DG)(DA)(DT)
;
I
6 'polydeoxyribonucleotide'
;(DA)(DT)(DC)(DA)(DC)(DA)(DA)(DT)(DC)(DC)(DC)(DG)(DG)(DT)(DG)(DC)(DC)(DG)(DA)(DG)
(DG)(DC)(DC)(DG)(DC)(DT)(DC)(DA)(DA)(DT)(DT)(DG)(DG)(DT)(DC)(DG)(DT)(DA)(DG)(DA)
(DC)(DA)(DG)(DC)(DT)(DC)(DT)(DA)(DG)(DC)(DA)(DC)(DC)(DG)(DC)(DT)(DT)(DA)(DA)(DA)
(DC)(DG)(DC)(DA)(DC)(DG)(DT)(DA)(DC)(DG)(DG)(DA)(DT)(DT)(DC)(DC)(DG)(DT)(DA)(DC)
(DG)(DT)(DG)(DC)(DG)(DT)(DT)(DT)(DA)(DA)(DG)(DC)(DG)(DG)(DT)(DG)(DC)(DT)(DA)(DG)
(DA)(DG)(DC)(DT)(DG)(DT)(DC)(DT)(DA)(DC)(DG)(DA)(DC)(DC)(DA)(DA)(DT)(DT)(DG)(DA)
(DG)(DC)(DG)(DG)(DC)(DC)(DT)(DC)(DG)(DG)(DC)(DA)(DC)(DC)(DG)(DG)(DG)(DA)(DT)(DT)
(DG)(DT)(DG)(DA)(DT)
;
J
#
loop_
_chem_comp.id
_chem_comp.type
_chem_comp.name
_chem_comp.formula
DA DNA linking 2'-DEOXYADENOSINE-5'-MONOPHOSPHATE 'C10 H14 N5 O6 P'
DC DNA linking 2'-DEOXYCYTIDINE-5'-MONOPHOSPHATE 'C9 H14 N3 O7 P'
DG DNA linking 2'-DEOXYGUANOSINE-5'-MONOPHOSPHATE 'C10 H14 N5 O7 P'
DT DNA linking THYMIDINE-5'-MONOPHOSPHATE 'C10 H15 N2 O8 P'
#
# COMPACT_ATOMS: atom_id res chain seq x y z
N HIS A 43 -11.05 20.54 -46.65
CA HIS A 43 -12.29 20.89 -45.92
C HIS A 43 -12.37 20.22 -44.54
N ARG A 44 -13.35 20.61 -43.72
CA ARG A 44 -13.50 20.31 -42.29
C ARG A 44 -13.51 18.81 -41.94
N TYR A 45 -12.73 18.45 -40.93
CA TYR A 45 -12.68 17.16 -40.27
C TYR A 45 -13.94 16.93 -39.45
N ARG A 46 -14.45 15.70 -39.48
CA ARG A 46 -15.57 15.34 -38.64
C ARG A 46 -15.14 15.32 -37.18
N PRO A 47 -16.06 15.60 -36.25
CA PRO A 47 -15.72 15.56 -34.83
C PRO A 47 -15.23 14.17 -34.42
N GLY A 48 -14.04 14.14 -33.80
CA GLY A 48 -13.43 12.92 -33.33
C GLY A 48 -12.19 12.51 -34.09
N THR A 49 -12.06 12.94 -35.36
CA THR A 49 -10.86 12.61 -36.13
C THR A 49 -9.63 13.31 -35.54
N VAL A 50 -9.76 14.60 -35.27
CA VAL A 50 -8.66 15.34 -34.66
C VAL A 50 -8.39 14.83 -33.25
N ALA A 51 -9.44 14.42 -32.54
CA ALA A 51 -9.25 13.85 -31.21
C ALA A 51 -8.45 12.56 -31.26
N LEU A 52 -8.75 11.66 -32.20
CA LEU A 52 -8.00 10.42 -32.35
C LEU A 52 -6.55 10.68 -32.77
N ARG A 53 -6.31 11.66 -33.65
CA ARG A 53 -4.94 12.07 -33.97
C ARG A 53 -4.21 12.56 -32.73
N GLU A 54 -4.87 13.40 -31.92
CA GLU A 54 -4.25 13.93 -30.72
C GLU A 54 -3.95 12.83 -29.72
N ILE A 55 -4.84 11.84 -29.59
CA ILE A 55 -4.59 10.75 -28.68
C ILE A 55 -3.33 9.99 -29.08
N ARG A 56 -3.20 9.68 -30.37
CA ARG A 56 -2.03 9.00 -30.93
C ARG A 56 -0.77 9.80 -30.68
N HIS A 57 -0.83 11.12 -30.88
CA HIS A 57 0.32 12.00 -30.69
C HIS A 57 0.76 12.05 -29.23
N TYR A 58 -0.19 12.30 -28.32
CA TYR A 58 0.16 12.48 -26.91
C TYR A 58 0.48 11.17 -26.20
N GLN A 59 0.01 10.03 -26.70
CA GLN A 59 0.47 8.77 -26.16
C GLN A 59 1.82 8.35 -26.75
N LYS A 60 2.23 8.95 -27.86
CA LYS A 60 3.57 8.70 -28.38
C LYS A 60 4.65 9.45 -27.60
N SER A 61 4.30 10.57 -26.98
CA SER A 61 5.28 11.50 -26.43
C SER A 61 5.41 11.34 -24.91
N THR A 62 6.43 12.01 -24.35
CA THR A 62 6.73 11.90 -22.93
C THR A 62 6.89 13.27 -22.25
N GLU A 63 6.69 14.37 -22.96
CA GLU A 63 6.95 15.68 -22.38
C GLU A 63 5.82 16.10 -21.43
N LEU A 64 6.15 17.04 -20.55
CA LEU A 64 5.18 17.55 -19.59
C LEU A 64 4.08 18.32 -20.31
N LEU A 65 2.84 18.16 -19.88
CA LEU A 65 1.64 18.69 -20.51
C LEU A 65 1.08 19.92 -19.80
N ILE A 66 1.56 20.24 -18.59
CA ILE A 66 1.18 21.45 -17.87
C ILE A 66 2.33 22.43 -17.96
N ARG A 67 2.02 23.70 -18.20
CA ARG A 67 3.05 24.72 -18.31
C ARG A 67 3.71 24.94 -16.94
N LYS A 68 5.02 25.19 -16.97
CA LYS A 68 5.83 25.11 -15.76
C LYS A 68 5.53 26.26 -14.79
N LEU A 69 5.50 27.49 -15.29
CA LEU A 69 5.30 28.64 -14.41
C LEU A 69 3.96 28.62 -13.70
N PRO A 70 2.82 28.39 -14.36
CA PRO A 70 1.55 28.31 -13.60
C PRO A 70 1.55 27.20 -12.55
N PHE A 71 2.11 26.03 -12.87
CA PHE A 71 2.15 24.95 -11.90
C PHE A 71 3.01 25.32 -10.70
N GLN A 72 4.13 26.01 -10.94
CA GLN A 72 5.00 26.41 -9.85
C GLN A 72 4.33 27.46 -8.96
N ARG A 73 3.59 28.40 -9.57
CA ARG A 73 2.81 29.34 -8.78
C ARG A 73 1.76 28.61 -7.94
N LEU A 74 1.10 27.60 -8.52
CA LEU A 74 0.12 26.82 -7.77
C LEU A 74 0.77 26.12 -6.59
N VAL A 75 1.92 25.49 -6.80
CA VAL A 75 2.59 24.77 -5.73
C VAL A 75 2.98 25.73 -4.60
N ARG A 76 3.52 26.90 -4.95
CA ARG A 76 3.91 27.85 -3.92
C ARG A 76 2.70 28.38 -3.16
N GLU A 77 1.61 28.70 -3.85
CA GLU A 77 0.38 29.14 -3.23
C GLU A 77 -0.16 28.09 -2.26
N ILE A 78 -0.14 26.81 -2.64
CA ILE A 78 -0.60 25.74 -1.75
C ILE A 78 0.32 25.61 -0.54
N ALA A 79 1.63 25.67 -0.76
CA ALA A 79 2.58 25.48 0.33
C ALA A 79 2.56 26.64 1.33
N GLN A 80 2.27 27.88 0.94
CA GLN A 80 2.25 28.97 1.90
C GLN A 80 1.29 28.68 3.06
N ASP A 81 0.25 27.85 2.86
CA ASP A 81 -0.67 27.57 3.96
C ASP A 81 -0.07 26.67 5.02
N PHE A 82 1.06 26.01 4.74
CA PHE A 82 1.67 25.12 5.72
C PHE A 82 2.85 25.77 6.43
N LYS A 83 3.57 26.65 5.75
CA LYS A 83 4.70 27.35 6.33
C LYS A 83 5.00 28.57 5.46
N THR A 84 5.22 29.71 6.10
CA THR A 84 5.49 30.93 5.37
C THR A 84 6.95 30.99 4.94
N ASP A 85 7.19 31.63 3.79
CA ASP A 85 8.54 31.89 3.29
C ASP A 85 9.32 30.59 3.10
N LEU A 86 8.75 29.69 2.31
CA LEU A 86 9.45 28.48 1.92
C LEU A 86 10.27 28.72 0.65
N ARG A 87 11.41 28.06 0.56
CA ARG A 87 12.23 28.02 -0.63
C ARG A 87 12.03 26.65 -1.29
N PHE A 88 12.22 26.56 -2.60
CA PHE A 88 12.08 25.32 -3.36
C PHE A 88 13.30 25.14 -4.24
N GLN A 89 13.90 23.97 -4.21
CA GLN A 89 14.77 23.56 -5.29
C GLN A 89 13.96 23.43 -6.58
N ARG A 90 14.58 23.75 -7.71
CA ARG A 90 13.87 23.62 -8.98
C ARG A 90 13.50 22.17 -9.25
N ALA A 91 14.39 21.25 -8.90
CA ALA A 91 14.10 19.82 -9.05
C ALA A 91 12.90 19.40 -8.21
N ALA A 92 12.66 20.07 -7.08
CA ALA A 92 11.51 19.73 -6.25
C ALA A 92 10.20 19.99 -6.98
N ILE A 93 10.07 21.17 -7.60
CA ILE A 93 8.87 21.49 -8.36
C ILE A 93 8.75 20.60 -9.58
N GLY A 94 9.89 20.30 -10.24
CA GLY A 94 9.84 19.40 -11.38
C GLY A 94 9.35 18.01 -11.01
N THR A 95 9.84 17.48 -9.90
CA THR A 95 9.39 16.18 -9.40
C THR A 95 7.90 16.20 -9.08
N LEU A 96 7.44 17.28 -8.43
CA LEU A 96 6.02 17.40 -8.14
C LEU A 96 5.19 17.40 -9.41
N GLN A 97 5.64 18.13 -10.44
CA GLN A 97 4.89 18.17 -11.70
C GLN A 97 4.83 16.81 -12.36
N GLU A 98 5.96 16.09 -12.39
CA GLU A 98 5.95 14.76 -12.98
C GLU A 98 4.95 13.85 -12.26
N ALA A 99 5.00 13.82 -10.93
CA ALA A 99 4.09 12.96 -10.18
C ALA A 99 2.63 13.36 -10.39
N SER A 100 2.34 14.66 -10.37
CA SER A 100 0.98 15.13 -10.55
C SER A 100 0.43 14.74 -11.92
N GLU A 101 1.22 14.93 -12.97
CA GLU A 101 0.75 14.60 -14.31
C GLU A 101 0.54 13.10 -14.47
N ALA A 102 1.42 12.28 -13.88
CA ALA A 102 1.19 10.84 -13.91
C ALA A 102 -0.12 10.48 -13.20
N TYR A 103 -0.37 11.09 -12.05
CA TYR A 103 -1.59 10.83 -11.31
C TYR A 103 -2.83 11.18 -12.14
N LEU A 104 -2.81 12.35 -12.78
CA LEU A 104 -3.97 12.76 -13.56
C LEU A 104 -4.18 11.88 -14.79
N VAL A 105 -3.10 11.42 -15.42
CA VAL A 105 -3.25 10.57 -16.59
C VAL A 105 -3.84 9.21 -16.19
N GLY A 106 -3.37 8.63 -15.09
CA GLY A 106 -3.96 7.38 -14.61
C GLY A 106 -5.43 7.54 -14.24
N LEU A 107 -5.76 8.65 -13.58
CA LEU A 107 -7.15 8.90 -13.22
C LEU A 107 -8.02 9.04 -14.45
N PHE A 108 -7.53 9.73 -15.50
CA PHE A 108 -8.30 9.87 -16.72
C PHE A 108 -8.50 8.53 -17.44
N GLU A 109 -7.50 7.65 -17.39
CA GLU A 109 -7.68 6.32 -17.96
C GLU A 109 -8.82 5.57 -17.25
N ASP A 110 -8.82 5.60 -15.91
CA ASP A 110 -9.90 4.93 -15.17
C ASP A 110 -11.25 5.58 -15.45
N THR A 111 -11.28 6.91 -15.52
CA THR A 111 -12.51 7.64 -15.80
C THR A 111 -13.06 7.26 -17.17
N ASN A 112 -12.18 7.13 -18.16
CA ASN A 112 -12.60 6.69 -19.49
C ASN A 112 -13.21 5.30 -19.46
N LEU A 113 -12.60 4.40 -18.69
CA LEU A 113 -13.20 3.06 -18.55
C LEU A 113 -14.61 3.15 -17.99
N CYS A 114 -14.82 4.00 -16.97
CA CYS A 114 -16.16 4.11 -16.39
C CYS A 114 -17.16 4.67 -17.41
N ALA A 115 -16.76 5.72 -18.13
CA ALA A 115 -17.66 6.31 -19.13
C ALA A 115 -18.04 5.29 -20.20
N ILE A 116 -17.09 4.46 -20.63
CA ILE A 116 -17.41 3.42 -21.61
C ILE A 116 -18.32 2.36 -21.00
N HIS A 117 -18.10 2.03 -19.72
CA HIS A 117 -18.96 1.08 -19.03
C HIS A 117 -20.41 1.55 -19.03
N ALA A 118 -20.64 2.87 -18.94
CA ALA A 118 -22.00 3.42 -19.00
C ALA A 118 -22.52 3.55 -20.43
N THR A 119 -21.86 2.92 -21.41
CA THR A 119 -22.21 3.02 -22.83
C THR A 119 -22.23 4.48 -23.29
N ARG A 120 -21.17 5.20 -22.96
CA ARG A 120 -20.97 6.58 -23.40
C ARG A 120 -19.59 6.68 -24.02
N VAL A 121 -19.37 7.78 -24.74
CA VAL A 121 -18.02 8.14 -25.19
C VAL A 121 -17.56 9.46 -24.61
N THR A 122 -18.34 10.06 -23.72
CA THR A 122 -18.02 11.34 -23.10
C THR A 122 -17.79 11.13 -21.61
N ILE A 123 -16.65 11.59 -21.10
CA ILE A 123 -16.37 11.49 -19.68
C ILE A 123 -17.05 12.65 -18.96
N MET A 124 -17.59 12.36 -17.78
CA MET A 124 -18.39 13.27 -16.99
C MET A 124 -17.89 13.26 -15.55
N PRO A 125 -18.27 14.26 -14.75
CA PRO A 125 -17.81 14.29 -13.35
C PRO A 125 -18.18 13.04 -12.56
N LYS A 126 -19.33 12.41 -12.84
CA LYS A 126 -19.70 11.20 -12.14
C LYS A 126 -18.74 10.05 -12.43
N ASP A 127 -18.16 10.01 -13.65
CA ASP A 127 -17.15 9.00 -13.96
C ASP A 127 -15.92 9.17 -13.08
N ILE A 128 -15.48 10.42 -12.91
CA ILE A 128 -14.33 10.70 -12.04
C ILE A 128 -14.66 10.32 -10.60
N GLN A 129 -15.88 10.64 -10.15
CA GLN A 129 -16.28 10.31 -8.79
C GLN A 129 -16.25 8.80 -8.56
N LEU A 130 -16.77 8.03 -9.51
CA LEU A 130 -16.78 6.58 -9.37
C LEU A 130 -15.37 6.01 -9.38
N ALA A 131 -14.51 6.50 -10.29
CA ALA A 131 -13.14 6.00 -10.35
C ALA A 131 -12.41 6.28 -9.03
N ARG A 132 -12.55 7.49 -8.50
CA ARG A 132 -11.86 7.83 -7.27
C ARG A 132 -12.43 7.06 -6.08
N HIS A 133 -13.74 6.80 -6.07
CA HIS A 133 -14.29 6.01 -4.98
C HIS A 133 -13.77 4.57 -5.02
N ILE A 134 -13.70 3.96 -6.21
CA ILE A 134 -13.21 2.59 -6.28
C ILE A 134 -11.73 2.54 -5.90
N ARG A 135 -10.96 3.55 -6.28
CA ARG A 135 -9.54 3.58 -5.93
C ARG A 135 -9.31 3.72 -4.44
N GLY A 136 -10.28 4.21 -3.69
CA GLY A 136 -10.12 4.42 -2.26
C GLY A 136 -9.76 5.83 -1.86
N GLU A 137 -9.91 6.79 -2.75
CA GLU A 137 -9.56 8.18 -2.49
C GLU A 137 -10.63 8.88 -1.64
N ARG A 138 -10.39 10.13 -1.30
CA ARG A 138 -11.15 10.86 -0.25
C ARG A 138 -12.62 11.15 -0.58
N VAL A 139 -12.92 11.38 -1.87
CA VAL A 139 -14.25 11.73 -2.42
C VAL A 139 -15.08 12.66 -1.51
N VAL B 25 1.50 37.62 -1.64
CA VAL B 25 0.58 36.53 -1.38
C VAL B 25 -0.08 36.06 -2.68
N LEU B 26 0.38 34.92 -3.19
CA LEU B 26 -0.20 34.28 -4.38
C LEU B 26 -1.67 33.91 -4.12
N ARG B 27 -2.54 34.02 -5.13
CA ARG B 27 -3.94 33.70 -5.00
C ARG B 27 -4.53 33.26 -6.33
N ASP B 28 -5.37 32.22 -6.28
CA ASP B 28 -6.13 31.73 -7.43
C ASP B 28 -5.23 31.35 -8.60
N ASN B 29 -4.15 30.62 -8.33
CA ASN B 29 -3.32 30.04 -9.38
C ASN B 29 -3.87 28.73 -9.93
N ILE B 30 -4.98 28.20 -9.40
CA ILE B 30 -5.54 26.96 -9.92
C ILE B 30 -6.07 27.14 -11.34
N GLN B 31 -6.46 28.36 -11.70
CA GLN B 31 -6.87 28.63 -13.08
C GLN B 31 -5.71 28.61 -14.06
N GLY B 32 -4.47 28.59 -13.56
CA GLY B 32 -3.33 28.35 -14.43
C GLY B 32 -3.28 26.94 -14.99
N ILE B 33 -4.05 26.02 -14.42
CA ILE B 33 -4.29 24.73 -15.02
C ILE B 33 -5.42 24.90 -16.04
N THR B 34 -5.05 25.27 -17.26
CA THR B 34 -6.01 25.70 -18.26
C THR B 34 -6.78 24.51 -18.82
N LYS B 35 -7.88 24.83 -19.51
CA LYS B 35 -8.64 23.81 -20.20
C LYS B 35 -7.82 23.09 -21.27
N PRO B 36 -7.03 23.75 -22.12
CA PRO B 36 -6.17 22.99 -23.05
C PRO B 36 -5.20 22.03 -22.38
N ALA B 37 -4.62 22.40 -21.23
CA ALA B 37 -3.73 21.48 -20.53
C ALA B 37 -4.47 20.26 -20.03
N ILE B 38 -5.66 20.46 -19.47
CA ILE B 38 -6.47 19.34 -19.01
C ILE B 38 -6.86 18.45 -20.18
N ARG B 39 -7.16 19.05 -21.34
CA ARG B 39 -7.49 18.27 -22.51
C ARG B 39 -6.29 17.45 -22.97
N ARG B 40 -5.09 18.02 -22.93
CA ARG B 40 -3.90 17.24 -23.29
C ARG B 40 -3.70 16.07 -22.34
N LEU B 41 -3.87 16.27 -21.04
CA LEU B 41 -3.76 15.22 -20.04
C LEU B 41 -4.80 14.13 -20.29
N ALA B 42 -6.02 14.52 -20.65
CA ALA B 42 -7.05 13.53 -20.96
C ALA B 42 -6.75 12.78 -22.25
N ARG B 43 -6.14 13.47 -23.23
CA ARG B 43 -5.74 12.79 -24.47
C ARG B 43 -4.68 11.75 -24.21
N ARG B 44 -3.71 12.05 -23.35
CA ARG B 44 -2.73 11.02 -23.00
C ARG B 44 -3.39 9.86 -22.28
N GLY B 45 -4.51 10.11 -21.60
CA GLY B 45 -5.30 9.05 -21.00
C GLY B 45 -6.18 8.28 -21.95
N GLY B 46 -6.27 8.71 -23.21
CA GLY B 46 -7.09 8.02 -24.19
C GLY B 46 -8.50 8.52 -24.32
N VAL B 47 -8.82 9.69 -23.79
CA VAL B 47 -10.18 10.22 -23.79
C VAL B 47 -10.47 10.87 -25.13
N LYS B 48 -11.64 10.60 -25.69
CA LYS B 48 -12.02 11.16 -26.98
C LYS B 48 -12.95 12.37 -26.85
N ARG B 49 -13.90 12.34 -25.91
CA ARG B 49 -14.88 13.40 -25.76
C ARG B 49 -14.97 13.80 -24.29
N ILE B 50 -14.93 15.10 -24.01
CA ILE B 50 -14.81 15.64 -22.65
C ILE B 50 -16.00 16.55 -22.35
N SER B 51 -16.79 16.25 -21.33
CA SER B 51 -17.88 17.12 -20.89
C SER B 51 -17.33 18.43 -20.35
N GLY B 52 -18.17 19.47 -20.41
CA GLY B 52 -17.74 20.80 -20.01
C GLY B 52 -17.49 20.96 -18.53
N LEU B 53 -18.06 20.09 -17.70
CA LEU B 53 -17.90 20.17 -16.25
C LEU B 53 -16.65 19.46 -15.75
N ILE B 54 -15.88 18.85 -16.64
CA ILE B 54 -14.72 18.06 -16.24
C ILE B 54 -13.59 18.95 -15.71
N TYR B 55 -13.46 20.16 -16.25
CA TYR B 55 -12.29 20.99 -15.95
C TYR B 55 -12.25 21.42 -14.48
N GLU B 56 -13.38 21.90 -13.95
CA GLU B 56 -13.43 22.30 -12.55
C GLU B 56 -13.22 21.10 -11.62
N GLU B 57 -13.81 19.96 -11.97
CA GLU B 57 -13.63 18.76 -11.17
C GLU B 57 -12.18 18.31 -11.15
N THR B 58 -11.51 18.38 -12.31
CA THR B 58 -10.09 18.04 -12.38
C THR B 58 -9.25 18.99 -11.54
N ARG B 59 -9.59 20.28 -11.58
CA ARG B 59 -8.88 21.24 -10.74
C ARG B 59 -9.00 20.88 -9.27
N GLY B 60 -10.21 20.51 -8.82
CA GLY B 60 -10.36 20.07 -7.44
C GLY B 60 -9.55 18.85 -7.10
N VAL B 61 -9.57 17.84 -7.98
CA VAL B 61 -8.83 16.60 -7.73
C VAL B 61 -7.34 16.89 -7.61
N LEU B 62 -6.81 17.68 -8.55
CA LEU B 62 -5.39 18.03 -8.52
C LEU B 62 -5.03 18.80 -7.27
N LYS B 63 -5.89 19.73 -6.85
CA LYS B 63 -5.61 20.50 -5.65
C LYS B 63 -5.51 19.59 -4.43
N VAL B 64 -6.42 18.62 -4.31
CA VAL B 64 -6.38 17.73 -3.16
C VAL B 64 -5.10 16.90 -3.16
N PHE B 65 -4.73 16.35 -4.33
CA PHE B 65 -3.51 15.56 -4.44
C PHE B 65 -2.29 16.38 -4.03
N LEU B 66 -2.19 17.60 -4.56
CA LEU B 66 -1.06 18.46 -4.25
C LEU B 66 -1.03 18.85 -2.78
N GLU B 67 -2.20 19.11 -2.18
CA GLU B 67 -2.23 19.47 -0.77
C GLU B 67 -1.66 18.36 0.10
N ASN B 68 -2.05 17.11 -0.15
CA ASN B 68 -1.55 15.99 0.63
C ASN B 68 -0.06 15.74 0.42
N VAL B 69 0.45 15.84 -0.81
CA VAL B 69 1.87 15.62 -1.04
C VAL B 69 2.70 16.76 -0.44
N ILE B 70 2.26 17.99 -0.64
CA ILE B 70 3.02 19.15 -0.19
C ILE B 70 3.03 19.24 1.33
N ARG B 71 1.92 18.89 1.98
CA ARG B 71 1.92 18.86 3.45
C ARG B 71 2.96 17.89 3.96
N ASP B 72 3.00 16.68 3.39
CA ASP B 72 3.99 15.70 3.86
C ASP B 72 5.42 16.17 3.57
N ALA B 73 5.65 16.75 2.40
CA ALA B 73 7.00 17.22 2.05
C ALA B 73 7.45 18.35 2.98
N VAL B 74 6.55 19.28 3.31
CA VAL B 74 6.90 20.36 4.22
C VAL B 74 7.16 19.81 5.62
N THR B 75 6.43 18.78 6.03
CA THR B 75 6.75 18.13 7.30
C THR B 75 8.18 17.58 7.29
N TYR B 76 8.55 16.87 6.22
CA TYR B 76 9.91 16.34 6.12
C TYR B 76 10.95 17.45 6.15
N THR B 77 10.66 18.57 5.48
CA THR B 77 11.58 19.70 5.47
C THR B 77 11.75 20.30 6.86
N GLU B 78 10.63 20.49 7.58
CA GLU B 78 10.69 21.11 8.89
C GLU B 78 11.38 20.22 9.91
N HIS B 79 11.27 18.89 9.75
CA HIS B 79 12.00 18.00 10.67
C HIS B 79 13.50 18.20 10.55
N ALA B 80 14.00 18.37 9.33
CA ALA B 80 15.42 18.56 9.09
C ALA B 80 15.91 19.94 9.49
N LYS B 81 15.03 20.82 9.96
CA LYS B 81 15.34 22.20 10.32
C LYS B 81 15.77 23.03 9.12
N ARG B 82 15.42 22.59 7.92
CA ARG B 82 15.70 23.35 6.71
C ARG B 82 14.58 24.33 6.43
N LYS B 83 14.88 25.30 5.56
CA LYS B 83 13.87 26.20 5.02
C LYS B 83 13.57 25.94 3.56
N THR B 84 14.30 25.04 2.92
CA THR B 84 14.19 24.78 1.49
C THR B 84 13.71 23.36 1.27
N VAL B 85 12.61 23.22 0.56
CA VAL B 85 12.07 21.89 0.21
C VAL B 85 12.94 21.31 -0.90
N THR B 86 13.53 20.16 -0.63
CA THR B 86 14.40 19.49 -1.60
C THR B 86 13.59 18.47 -2.40
N ALA B 87 14.19 18.02 -3.50
CA ALA B 87 13.56 16.98 -4.30
C ALA B 87 13.39 15.69 -3.51
N MET B 88 14.33 15.38 -2.62
CA MET B 88 14.23 14.16 -1.83
C MET B 88 13.07 14.21 -0.85
N ASP B 89 12.75 15.40 -0.31
CA ASP B 89 11.57 15.53 0.52
C ASP B 89 10.31 15.18 -0.25
N VAL B 90 10.20 15.68 -1.48
CA VAL B 90 9.06 15.36 -2.34
C VAL B 90 9.02 13.88 -2.63
N VAL B 91 10.18 13.27 -2.88
CA VAL B 91 10.24 11.85 -3.19
C VAL B 91 9.76 11.02 -2.00
N TYR B 92 10.20 11.39 -0.80
CA TYR B 92 9.76 10.68 0.40
C TYR B 92 8.26 10.85 0.64
N ALA B 93 7.75 12.07 0.43
CA ALA B 93 6.33 12.32 0.58
C ALA B 93 5.52 11.47 -0.39
N LEU B 94 5.93 11.37 -1.66
CA LEU B 94 5.27 10.51 -2.65
C LEU B 94 5.32 9.04 -2.24
N LYS B 95 6.43 8.58 -1.65
CA LYS B 95 6.53 7.26 -1.04
C LYS B 95 5.54 7.06 0.12
N ARG B 96 5.26 8.08 0.97
CA ARG B 96 4.16 8.04 1.96
C ARG B 96 2.80 7.75 1.33
N GLN B 97 2.48 8.43 0.23
CA GLN B 97 1.21 8.30 -0.47
C GLN B 97 1.05 6.96 -1.24
N GLY B 98 2.07 6.09 -1.25
CA GLY B 98 2.11 4.91 -2.12
C GLY B 98 2.30 5.23 -3.61
N ARG B 99 2.95 6.34 -3.94
CA ARG B 99 3.17 6.88 -5.29
C ARG B 99 4.65 6.90 -5.62
N THR B 100 5.37 5.78 -5.42
CA THR B 100 6.83 5.73 -5.62
C THR B 100 7.22 6.21 -7.01
N LEU B 101 8.21 7.11 -7.04
CA LEU B 101 8.69 7.73 -8.27
C LEU B 101 10.15 7.37 -8.46
N TYR B 102 10.48 6.89 -9.66
CA TYR B 102 11.87 6.67 -10.03
C TYR B 102 12.38 7.85 -10.84
N GLY B 103 13.64 8.21 -10.62
CA GLY B 103 14.23 9.33 -11.32
C GLY B 103 13.76 10.66 -10.75
N PHE B 104 14.01 11.71 -11.53
CA PHE B 104 13.67 13.06 -11.10
C PHE B 104 13.15 13.86 -12.28
N GLY B 105 12.53 15.00 -11.96
CA GLY B 105 12.09 15.95 -12.95
C GLY B 105 12.80 17.29 -12.79
N GLY B 106 12.53 18.18 -13.75
CA GLY B 106 13.11 19.51 -13.73
C GLY B 106 12.07 20.61 -13.68
N ARG C 15 19.28 4.61 48.64
CA ARG C 15 18.51 4.32 47.43
C ARG C 15 17.02 4.52 47.67
N ALA C 16 16.41 5.38 46.85
CA ALA C 16 15.01 5.72 47.03
C ALA C 16 14.11 4.57 46.58
N LYS C 17 12.83 4.68 46.94
CA LYS C 17 11.84 3.69 46.53
C LYS C 17 11.59 3.81 45.03
N ALA C 18 11.46 2.67 44.36
CA ALA C 18 11.28 2.65 42.92
C ALA C 18 9.97 3.33 42.54
N LYS C 19 10.01 4.07 41.43
CA LYS C 19 8.84 4.73 40.87
C LYS C 19 8.83 4.49 39.37
N THR C 20 7.68 4.09 38.83
CA THR C 20 7.59 3.81 37.41
C THR C 20 7.68 5.09 36.59
N ARG C 21 8.21 4.96 35.37
CA ARG C 21 8.25 6.10 34.47
C ARG C 21 6.86 6.47 33.99
N SER C 22 5.92 5.52 33.99
CA SER C 22 4.54 5.84 33.65
C SER C 22 3.93 6.78 34.68
N SER C 23 4.14 6.50 35.97
CA SER C 23 3.58 7.35 37.02
C SER C 23 4.23 8.72 37.02
N ARG C 24 5.52 8.82 36.70
CA ARG C 24 6.17 10.11 36.59
C ARG C 24 5.56 10.95 35.48
N ALA C 25 5.23 10.31 34.36
CA ALA C 25 4.61 11.00 33.23
C ALA C 25 3.09 11.06 33.32
N GLY C 26 2.49 10.47 34.35
CA GLY C 26 1.05 10.47 34.49
C GLY C 26 0.30 9.67 33.45
N LEU C 27 0.78 8.47 33.13
CA LEU C 27 0.21 7.65 32.07
C LEU C 27 -0.24 6.30 32.61
N GLN C 28 -1.20 5.69 31.90
CA GLN C 28 -1.61 4.33 32.19
C GLN C 28 -0.86 3.30 31.35
N PHE C 29 -0.41 3.68 30.15
CA PHE C 29 0.36 2.78 29.32
C PHE C 29 1.80 2.67 29.82
N PRO C 30 2.43 1.50 29.68
CA PRO C 30 3.72 1.24 30.32
C PRO C 30 4.89 1.83 29.54
N VAL C 31 5.57 2.81 30.15
CA VAL C 31 6.71 3.44 29.49
C VAL C 31 7.89 2.48 29.39
N GLY C 32 8.10 1.65 30.42
CA GLY C 32 9.23 0.73 30.40
C GLY C 32 9.12 -0.32 29.31
N ARG C 33 7.93 -0.90 29.13
CA ARG C 33 7.69 -1.88 28.07
C ARG C 33 7.86 -1.25 26.70
N VAL C 34 7.38 -0.02 26.52
CA VAL C 34 7.52 0.67 25.24
C VAL C 34 9.00 0.93 24.95
N HIS C 35 9.75 1.34 25.97
CA HIS C 35 11.19 1.56 25.79
C HIS C 35 11.90 0.26 25.40
N ARG C 36 11.60 -0.85 26.07
CA ARG C 36 12.19 -2.14 25.74
C ARG C 36 11.82 -2.56 24.32
N LEU C 37 10.58 -2.34 23.89
CA LEU C 37 10.18 -2.71 22.53
C LEU C 37 10.89 -1.85 21.48
N LEU C 38 11.03 -0.55 21.76
CA LEU C 38 11.77 0.32 20.85
C LEU C 38 13.23 -0.11 20.74
N ARG C 39 13.84 -0.48 21.87
CA ARG C 39 15.26 -0.81 21.88
C ARG C 39 15.53 -2.10 21.12
N LYS C 40 14.62 -3.08 21.19
CA LYS C 40 14.86 -4.38 20.59
C LYS C 40 14.27 -4.53 19.19
N GLY C 41 13.62 -3.50 18.66
CA GLY C 41 12.98 -3.60 17.37
C GLY C 41 13.84 -3.24 16.17
N ASN C 42 15.14 -3.06 16.37
CA ASN C 42 16.06 -2.67 15.30
C ASN C 42 15.62 -1.38 14.63
N TYR C 43 15.10 -0.45 15.42
CA TYR C 43 14.61 0.81 14.88
C TYR C 43 15.72 1.84 14.76
N SER C 44 16.58 1.93 15.77
CA SER C 44 17.71 2.84 15.74
C SER C 44 18.78 2.29 16.68
N GLU C 45 19.99 2.83 16.55
CA GLU C 45 21.06 2.42 17.43
C GLU C 45 20.83 2.88 18.87
N ARG C 46 20.23 4.05 19.05
CA ARG C 46 20.01 4.63 20.36
C ARG C 46 18.58 5.13 20.48
N VAL C 47 18.07 5.13 21.72
CA VAL C 47 16.72 5.59 22.02
C VAL C 47 16.79 6.68 23.08
N GLY C 48 16.16 7.82 22.80
CA GLY C 48 16.16 8.92 23.74
C GLY C 48 15.25 8.67 24.94
N ALA C 49 15.47 9.47 25.98
CA ALA C 49 14.72 9.30 27.22
C ALA C 49 13.24 9.61 27.05
N GLY C 50 12.92 10.67 26.32
CA GLY C 50 11.52 11.08 26.15
C GLY C 50 10.75 10.37 25.06
N ALA C 51 11.43 9.64 24.18
CA ALA C 51 10.73 8.97 23.07
C ALA C 51 9.73 7.93 23.55
N PRO C 52 10.06 7.00 24.46
CA PRO C 52 9.02 6.08 24.95
C PRO C 52 7.89 6.77 25.67
N VAL C 53 8.17 7.87 26.38
CA VAL C 53 7.11 8.60 27.08
C VAL C 53 6.13 9.20 26.09
N TYR C 54 6.67 9.87 25.06
CA TYR C 54 5.83 10.45 24.02
C TYR C 54 5.02 9.38 23.29
N LEU C 55 5.67 8.26 22.95
CA LEU C 55 5.00 7.20 22.21
C LEU C 55 3.88 6.58 23.05
N ALA C 56 4.14 6.35 24.34
CA ALA C 56 3.12 5.80 25.22
C ALA C 56 1.95 6.75 25.38
N ALA C 57 2.21 8.05 25.49
CA ALA C 57 1.12 9.01 25.58
C ALA C 57 0.26 8.98 24.33
N VAL C 58 0.88 8.93 23.15
CA VAL C 58 0.11 8.91 21.91
C VAL C 58 -0.73 7.63 21.81
N LEU C 59 -0.12 6.47 22.12
CA LEU C 59 -0.86 5.22 22.05
C LEU C 59 -2.04 5.22 23.02
N GLU C 60 -1.82 5.71 24.24
CA GLU C 60 -2.89 5.78 25.23
C GLU C 60 -4.02 6.69 24.76
N TYR C 61 -3.67 7.83 24.15
CA TYR C 61 -4.71 8.76 23.69
C TYR C 61 -5.56 8.13 22.59
N LEU C 62 -4.91 7.47 21.62
CA LEU C 62 -5.68 6.83 20.55
C LEU C 62 -6.57 5.72 21.10
N THR C 63 -6.04 4.93 22.03
CA THR C 63 -6.83 3.89 22.67
C THR C 63 -8.06 4.48 23.36
N ALA C 64 -7.87 5.58 24.10
CA ALA C 64 -8.97 6.20 24.81
C ALA C 64 -10.04 6.72 23.86
N GLU C 65 -9.63 7.36 22.77
CA GLU C 65 -10.50 7.89 21.73
C GLU C 65 -11.37 6.79 21.11
N ILE C 66 -10.77 5.64 20.78
CA ILE C 66 -11.51 4.51 20.21
C ILE C 66 -12.45 3.90 21.23
N LEU C 67 -11.98 3.75 22.48
CA LEU C 67 -12.82 3.13 23.49
C LEU C 67 -14.01 4.01 23.84
N GLU C 68 -13.83 5.33 23.85
CA GLU C 68 -14.96 6.22 24.09
C GLU C 68 -16.03 6.06 23.02
N LEU C 69 -15.62 6.06 21.74
CA LEU C 69 -16.60 5.92 20.68
C LEU C 69 -17.29 4.54 20.73
N ALA C 70 -16.53 3.49 21.00
CA ALA C 70 -17.11 2.14 21.07
C ALA C 70 -18.07 2.01 22.24
N GLY C 71 -17.74 2.60 23.39
CA GLY C 71 -18.65 2.56 24.52
C GLY C 71 -19.93 3.35 24.25
N ASN C 72 -19.81 4.47 23.55
CA ASN C 72 -21.02 5.18 23.13
C ASN C 72 -21.91 4.30 22.26
N ALA C 73 -21.30 3.62 21.29
CA ALA C 73 -22.09 2.73 20.42
C ALA C 73 -22.75 1.61 21.23
N ALA C 74 -22.00 0.99 22.15
CA ALA C 74 -22.54 -0.09 22.96
C ALA C 74 -23.72 0.38 23.79
N ARG C 75 -23.60 1.53 24.46
CA ARG C 75 -24.66 2.15 25.26
C ARG C 75 -25.86 2.49 24.38
N ASP C 76 -25.64 2.94 23.14
CA ASP C 76 -26.72 3.16 22.19
C ASP C 76 -27.43 1.87 21.82
N ASN C 77 -26.72 0.75 21.88
CA ASN C 77 -27.33 -0.56 21.64
C ASN C 77 -27.88 -1.20 22.91
N LYS C 78 -28.01 -0.43 24.01
CA LYS C 78 -28.46 -0.86 25.34
C LYS C 78 -27.59 -1.97 25.95
N LYS C 79 -26.31 -2.07 25.55
CA LYS C 79 -25.38 -3.08 26.05
C LYS C 79 -24.33 -2.43 26.93
N THR C 80 -23.82 -3.21 27.89
CA THR C 80 -22.79 -2.73 28.81
C THR C 80 -21.41 -3.28 28.48
N ARG C 81 -21.29 -4.19 27.52
CA ARG C 81 -20.01 -4.75 27.12
C ARG C 81 -19.72 -4.35 25.68
N ILE C 82 -18.45 -4.05 25.40
CA ILE C 82 -18.00 -3.71 24.06
C ILE C 82 -17.64 -4.99 23.34
N ILE C 83 -18.16 -5.15 22.13
CA ILE C 83 -17.90 -6.31 21.28
C ILE C 83 -17.29 -5.81 19.97
N PRO C 84 -16.71 -6.68 19.13
CA PRO C 84 -16.07 -6.17 17.90
C PRO C 84 -17.00 -5.40 16.98
N ARG C 85 -18.30 -5.68 17.00
CA ARG C 85 -19.24 -4.92 16.21
C ARG C 85 -19.26 -3.46 16.63
N HIS C 86 -19.20 -3.19 17.94
CA HIS C 86 -19.16 -1.83 18.43
C HIS C 86 -17.90 -1.09 17.98
N LEU C 87 -16.75 -1.77 18.03
CA LEU C 87 -15.52 -1.17 17.54
C LEU C 87 -15.62 -0.85 16.06
N GLN C 88 -16.18 -1.77 15.27
CA GLN C 88 -16.34 -1.51 13.84
C GLN C 88 -17.26 -0.33 13.58
N LEU C 89 -18.39 -0.27 14.29
CA LEU C 89 -19.31 0.86 14.13
C LEU C 89 -18.63 2.17 14.50
N ALA C 90 -17.89 2.19 15.61
CA ALA C 90 -17.21 3.40 16.04
C ALA C 90 -16.18 3.85 15.03
N ILE C 91 -15.40 2.91 14.49
CA ILE C 91 -14.34 3.29 13.54
C ILE C 91 -14.94 3.80 12.24
N ARG C 92 -15.91 3.08 11.68
CA ARG C 92 -16.42 3.45 10.37
C ARG C 92 -17.30 4.70 10.40
N ASN C 93 -17.73 5.15 11.59
CA ASN C 93 -18.56 6.34 11.69
C ASN C 93 -17.76 7.59 12.01
N ASP C 94 -16.53 7.46 12.51
CA ASP C 94 -15.67 8.60 12.78
C ASP C 94 -14.75 8.80 11.59
N GLU C 95 -14.80 10.01 11.00
CA GLU C 95 -14.07 10.25 9.75
C GLU C 95 -12.57 10.11 9.92
N GLU C 96 -12.03 10.63 11.03
CA GLU C 96 -10.59 10.55 11.26
C GLU C 96 -10.15 9.11 11.48
N LEU C 97 -10.83 8.39 12.36
CA LEU C 97 -10.51 6.99 12.59
C LEU C 97 -10.74 6.15 11.35
N ASN C 98 -11.76 6.49 10.56
CA ASN C 98 -11.99 5.77 9.32
C ASN C 98 -10.85 5.98 8.33
N LYS C 99 -10.28 7.19 8.28
CA LYS C 99 -9.11 7.45 7.45
C LYS C 99 -7.89 6.71 7.99
N LEU C 100 -7.69 6.67 9.31
CA LEU C 100 -6.54 5.99 9.88
C LEU C 100 -6.61 4.49 9.68
N LEU C 101 -7.78 3.90 9.87
CA LEU C 101 -7.98 2.45 9.84
C LEU C 101 -8.71 2.02 8.57
N GLY C 102 -8.44 2.70 7.45
CA GLY C 102 -9.18 2.44 6.23
C GLY C 102 -8.77 1.19 5.48
N ARG C 103 -7.55 0.70 5.64
CA ARG C 103 -7.06 -0.56 5.03
C ARG C 103 -7.13 -1.74 6.00
N VAL C 104 -7.94 -1.66 7.06
CA VAL C 104 -7.94 -2.63 8.14
C VAL C 104 -9.28 -3.35 8.18
N THR C 105 -9.22 -4.68 8.31
CA THR C 105 -10.41 -5.50 8.46
C THR C 105 -10.54 -5.88 9.93
N ILE C 106 -11.71 -5.62 10.51
CA ILE C 106 -12.00 -5.99 11.89
C ILE C 106 -12.67 -7.36 11.87
N ALA C 107 -12.09 -8.32 12.57
CA ALA C 107 -12.70 -9.63 12.65
C ALA C 107 -14.04 -9.55 13.37
N GLN C 108 -15.06 -10.22 12.82
CA GLN C 108 -16.44 -10.16 13.32
C GLN C 108 -17.02 -8.74 13.39
N GLY C 109 -16.53 -7.81 12.57
CA GLY C 109 -16.99 -6.45 12.64
C GLY C 109 -18.24 -6.18 11.83
N GLY C 110 -18.49 -7.00 10.82
CA GLY C 110 -19.62 -6.73 9.95
C GLY C 110 -19.37 -5.51 9.08
N VAL C 111 -20.47 -4.89 8.66
CA VAL C 111 -20.44 -3.72 7.78
C VAL C 111 -21.40 -2.67 8.30
N LEU C 112 -21.26 -1.47 7.76
CA LEU C 112 -22.22 -0.40 8.04
C LEU C 112 -23.48 -0.62 7.22
N PRO C 113 -24.67 -0.61 7.84
CA PRO C 113 -25.91 -0.70 7.06
C PRO C 113 -26.02 0.45 6.06
N ASN C 114 -26.17 0.10 4.80
CA ASN C 114 -26.20 1.10 3.73
C ASN C 114 -26.89 0.49 2.52
N ILE C 115 -28.07 1.02 2.17
CA ILE C 115 -28.79 0.64 0.97
C ILE C 115 -28.82 1.83 0.04
N GLN C 116 -28.46 1.61 -1.22
CA GLN C 116 -28.50 2.68 -2.22
C GLN C 116 -29.94 3.09 -2.49
N ALA C 117 -30.16 4.39 -2.68
CA ALA C 117 -31.50 4.93 -2.77
C ALA C 117 -32.24 4.42 -4.00
N VAL C 118 -31.53 4.14 -5.09
CA VAL C 118 -32.18 3.69 -6.32
C VAL C 118 -32.84 2.33 -6.14
N LEU C 119 -32.39 1.51 -5.20
CA LEU C 119 -32.94 0.18 -4.99
C LEU C 119 -34.17 0.18 -4.09
N LEU C 120 -34.46 1.29 -3.42
CA LEU C 120 -35.60 1.34 -2.52
C LEU C 120 -36.91 1.39 -3.32
N PRO C 121 -38.03 0.91 -2.75
CA PRO C 121 -39.32 0.79 -3.44
C PRO C 121 -39.95 2.11 -3.91
N LYS C 122 -40.89 2.02 -4.86
CA LYS C 122 -41.79 3.09 -5.32
C LYS C 122 -41.06 4.40 -5.59
N ARG D 37 4.60 -17.35 28.33
CA ARG D 37 4.36 -16.07 28.99
C ARG D 37 4.31 -14.94 27.97
N LYS D 38 3.18 -14.89 27.24
CA LYS D 38 2.92 -13.92 26.17
C LYS D 38 2.69 -12.52 26.73
N GLU D 39 2.92 -11.53 25.90
CA GLU D 39 2.84 -10.12 26.24
C GLU D 39 1.61 -9.48 25.59
N SER D 40 0.81 -8.75 26.37
CA SER D 40 -0.37 -8.04 25.87
C SER D 40 -0.58 -6.71 26.59
N TYR D 41 -1.29 -5.80 25.94
CA TYR D 41 -1.71 -4.51 26.47
C TYR D 41 -3.06 -4.58 27.17
N SER D 42 -3.52 -5.79 27.50
CA SER D 42 -4.89 -5.98 27.97
C SER D 42 -5.16 -5.19 29.25
N ILE D 43 -4.25 -5.26 30.22
CA ILE D 43 -4.50 -4.62 31.51
C ILE D 43 -4.52 -3.10 31.36
N TYR D 44 -3.66 -2.56 30.48
CA TYR D 44 -3.61 -1.12 30.28
C TYR D 44 -4.83 -0.62 29.52
N VAL D 45 -5.27 -1.38 28.51
CA VAL D 45 -6.51 -1.04 27.81
C VAL D 45 -7.68 -1.07 28.77
N TYR D 46 -7.70 -2.04 29.68
CA TYR D 46 -8.76 -2.09 30.68
C TYR D 46 -8.72 -0.87 31.61
N LYS D 47 -7.52 -0.46 32.01
CA LYS D 47 -7.40 0.73 32.84
C LYS D 47 -7.95 1.96 32.12
N VAL D 48 -7.59 2.13 30.85
CA VAL D 48 -8.08 3.27 30.08
C VAL D 48 -9.60 3.21 29.94
N LEU D 49 -10.16 2.02 29.71
CA LEU D 49 -11.62 1.81 29.63
C LEU D 49 -12.31 2.24 30.92
N LYS D 50 -11.79 1.84 32.09
CA LYS D 50 -12.33 2.24 33.40
C LYS D 50 -12.30 3.74 33.63
N GLN D 51 -11.31 4.48 33.09
CA GLN D 51 -11.34 5.94 33.13
C GLN D 51 -12.43 6.53 32.20
N VAL D 52 -12.51 6.04 30.98
CA VAL D 52 -13.33 6.61 29.90
C VAL D 52 -14.82 6.29 30.04
N HIS D 53 -15.16 5.05 30.39
CA HIS D 53 -16.53 4.56 30.61
C HIS D 53 -16.53 3.61 31.82
N PRO D 54 -16.61 4.13 33.06
CA PRO D 54 -16.42 3.34 34.28
C PRO D 54 -17.31 2.10 34.42
N ASP D 55 -18.54 2.14 33.92
CA ASP D 55 -19.54 1.06 34.08
C ASP D 55 -19.48 0.03 32.90
N THR D 56 -18.56 0.16 31.93
CA THR D 56 -18.59 -0.62 30.70
C THR D 56 -17.54 -1.72 30.74
N GLY D 57 -17.96 -2.94 30.39
CA GLY D 57 -17.04 -4.04 30.22
C GLY D 57 -16.59 -4.18 28.78
N ILE D 58 -15.83 -5.25 28.53
CA ILE D 58 -15.33 -5.54 27.19
C ILE D 58 -15.16 -7.04 27.06
N SER D 59 -15.50 -7.57 25.88
CA SER D 59 -15.32 -8.99 25.62
C SER D 59 -13.88 -9.28 25.22
N SER D 60 -13.46 -10.53 25.40
CA SER D 60 -12.11 -11.01 25.09
C SER D 60 -11.79 -10.94 23.60
N LYS D 61 -12.78 -11.12 22.71
CA LYS D 61 -12.59 -10.87 21.28
C LYS D 61 -12.31 -9.39 21.04
N ALA D 62 -13.07 -8.47 21.62
CA ALA D 62 -12.81 -7.03 21.49
C ALA D 62 -11.45 -6.59 22.09
N MET D 63 -11.00 -7.21 23.18
CA MET D 63 -9.69 -7.00 23.77
C MET D 63 -8.57 -7.48 22.81
N GLY D 64 -8.78 -8.56 22.05
CA GLY D 64 -7.83 -8.95 21.02
C GLY D 64 -7.76 -7.94 19.89
N ILE D 65 -8.92 -7.40 19.48
CA ILE D 65 -8.94 -6.33 18.48
C ILE D 65 -8.11 -5.14 18.96
N MET D 66 -8.30 -4.75 20.22
CA MET D 66 -7.59 -3.61 20.78
C MET D 66 -6.08 -3.86 20.82
N ASN D 67 -5.68 -5.08 21.18
CA ASN D 67 -4.26 -5.42 21.20
C ASN D 67 -3.66 -5.32 19.81
N SER D 68 -4.37 -5.82 18.79
CA SER D 68 -3.91 -5.71 17.43
C SER D 68 -3.77 -4.25 17.01
N PHE D 69 -4.74 -3.42 17.40
CA PHE D 69 -4.68 -2.00 17.04
C PHE D 69 -3.47 -1.31 17.67
N VAL D 70 -3.24 -1.57 18.96
CA VAL D 70 -2.10 -0.95 19.64
C VAL D 70 -0.80 -1.36 18.98
N ASN D 71 -0.61 -2.66 18.72
CA ASN D 71 0.60 -3.16 18.06
C ASN D 71 0.77 -2.58 16.66
N ASP D 72 -0.30 -2.45 15.87
CA ASP D 72 -0.18 -1.90 14.53
C ASP D 72 0.24 -0.43 14.56
N ILE D 73 -0.38 0.36 15.44
CA ILE D 73 -0.01 1.78 15.54
C ILE D 73 1.43 1.92 16.01
N PHE D 74 1.83 1.06 16.96
CA PHE D 74 3.22 1.10 17.44
C PHE D 74 4.19 0.88 16.29
N GLU D 75 3.99 -0.18 15.50
CA GLU D 75 4.85 -0.51 14.38
C GLU D 75 4.88 0.62 13.35
N ARG D 76 3.73 1.25 13.07
CA ARG D 76 3.70 2.36 12.11
C ARG D 76 4.53 3.54 12.60
N ILE D 77 4.31 3.97 13.84
CA ILE D 77 5.00 5.13 14.37
C ILE D 77 6.50 4.85 14.46
N ALA D 78 6.87 3.68 14.98
CA ALA D 78 8.29 3.37 15.15
C ALA D 78 9.02 3.28 13.81
N GLY D 79 8.39 2.67 12.80
CA GLY D 79 9.00 2.60 11.49
C GLY D 79 9.17 3.95 10.84
N GLU D 80 8.17 4.82 10.92
CA GLU D 80 8.30 6.17 10.37
C GLU D 80 9.37 6.97 11.13
N ALA D 81 9.46 6.81 12.45
CA ALA D 81 10.50 7.50 13.21
C ALA D 81 11.89 7.00 12.82
N SER D 82 12.02 5.68 12.61
CA SER D 82 13.29 5.12 12.17
C SER D 82 13.68 5.65 10.79
N ARG D 83 12.72 5.76 9.88
CA ARG D 83 13.02 6.34 8.58
C ARG D 83 13.43 7.80 8.69
N LEU D 84 12.80 8.54 9.60
CA LEU D 84 13.17 9.94 9.82
C LEU D 84 14.60 10.04 10.35
N ALA D 85 14.98 9.14 11.25
CA ALA D 85 16.35 9.15 11.77
C ALA D 85 17.36 8.81 10.68
N HIS D 86 17.04 7.81 9.85
CA HIS D 86 17.96 7.40 8.80
C HIS D 86 18.10 8.47 7.72
N TYR D 87 17.02 9.18 7.42
CA TYR D 87 17.07 10.21 6.39
C TYR D 87 18.04 11.33 6.78
N ASN D 88 18.04 11.69 8.06
CA ASN D 88 18.84 12.81 8.54
C ASN D 88 20.20 12.37 9.09
N LYS D 89 20.59 11.12 8.83
CA LYS D 89 21.84 10.50 9.28
C LYS D 89 22.02 10.54 10.81
N ARG D 90 20.92 10.53 11.56
CA ARG D 90 20.95 10.49 13.02
C ARG D 90 20.92 9.05 13.50
N SER D 91 21.43 8.83 14.71
CA SER D 91 21.50 7.51 15.29
C SER D 91 20.56 7.32 16.47
N THR D 92 19.85 8.36 16.90
CA THR D 92 18.98 8.31 18.06
C THR D 92 17.55 8.66 17.67
N ILE D 93 16.60 7.90 18.18
CA ILE D 93 15.18 8.24 18.05
C ILE D 93 14.79 9.01 19.30
N THR D 94 14.43 10.27 19.12
CA THR D 94 14.06 11.17 20.19
C THR D 94 12.57 11.50 20.09
N SER D 95 12.10 12.33 21.03
CA SER D 95 10.71 12.79 20.97
C SER D 95 10.43 13.62 19.74
N ARG D 96 11.45 14.26 19.16
CA ARG D 96 11.26 15.00 17.91
C ARG D 96 10.88 14.06 16.77
N GLU D 97 11.57 12.93 16.64
CA GLU D 97 11.23 11.96 15.61
C GLU D 97 9.84 11.40 15.82
N ILE D 98 9.47 11.11 17.07
CA ILE D 98 8.14 10.60 17.36
C ILE D 98 7.08 11.62 17.00
N GLN D 99 7.30 12.90 17.34
CA GLN D 99 6.36 13.94 16.99
C GLN D 99 6.19 14.06 15.49
N THR D 100 7.29 14.05 14.75
CA THR D 100 7.20 14.16 13.30
C THR D 100 6.49 12.95 12.69
N ALA D 101 6.79 11.75 13.19
CA ALA D 101 6.14 10.56 12.66
C ALA D 101 4.65 10.56 12.94
N VAL D 102 4.25 11.06 14.12
CA VAL D 102 2.83 11.18 14.42
C VAL D 102 2.17 12.17 13.47
N ARG D 103 2.78 13.31 13.22
CA ARG D 103 2.28 14.28 12.23
C ARG D 103 2.19 13.66 10.85
N LEU D 104 3.07 12.74 10.51
CA LEU D 104 3.03 12.11 9.19
C LEU D 104 1.92 11.07 9.10
N LEU D 105 1.68 10.30 10.16
CA LEU D 105 0.76 9.18 10.16
C LEU D 105 -0.67 9.55 10.54
N LEU D 106 -0.89 10.47 11.48
CA LEU D 106 -2.23 10.75 11.97
C LEU D 106 -2.87 11.89 11.20
N PRO D 107 -4.14 11.79 10.83
CA PRO D 107 -4.80 12.84 10.05
C PRO D 107 -5.48 13.90 10.90
N GLY D 108 -5.28 15.15 10.50
CA GLY D 108 -6.13 16.25 10.94
C GLY D 108 -6.16 16.47 12.44
N GLU D 109 -7.37 16.40 13.00
CA GLU D 109 -7.58 16.69 14.41
C GLU D 109 -6.86 15.68 15.31
N LEU D 110 -6.82 14.41 14.88
CA LEU D 110 -6.17 13.38 15.67
C LEU D 110 -4.70 13.71 15.89
N ALA D 111 -4.02 14.18 14.85
CA ALA D 111 -2.59 14.49 14.97
C ALA D 111 -2.37 15.61 15.98
N LYS D 112 -3.18 16.67 15.92
CA LYS D 112 -2.99 17.79 16.83
C LYS D 112 -3.23 17.37 18.28
N HIS D 113 -4.31 16.62 18.53
CA HIS D 113 -4.58 16.21 19.91
C HIS D 113 -3.53 15.23 20.42
N ALA D 114 -3.06 14.31 19.57
CA ALA D 114 -2.02 13.38 20.00
C ALA D 114 -0.71 14.10 20.28
N VAL D 115 -0.37 15.10 19.46
CA VAL D 115 0.83 15.90 19.71
C VAL D 115 0.70 16.63 21.04
N SER D 116 -0.48 17.19 21.31
CA SER D 116 -0.71 17.85 22.59
C SER D 116 -0.50 16.89 23.75
N GLU D 117 -1.05 15.67 23.65
CA GLU D 117 -0.90 14.69 24.72
C GLU D 117 0.57 14.31 24.91
N GLY D 118 1.29 14.07 23.82
CA GLY D 118 2.68 13.67 23.94
C GLY D 118 3.55 14.76 24.55
N THR D 119 3.34 16.01 24.13
CA THR D 119 4.08 17.11 24.71
C THR D 119 3.76 17.27 26.19
N LYS D 120 2.49 17.15 26.56
CA LYS D 120 2.11 17.28 27.97
C LYS D 120 2.76 16.19 28.82
N ALA D 121 2.74 14.95 28.33
CA ALA D 121 3.35 13.86 29.09
C ALA D 121 4.85 14.05 29.23
N VAL D 122 5.53 14.48 28.16
CA VAL D 122 6.97 14.69 28.24
C VAL D 122 7.29 15.80 29.23
N THR D 123 6.51 16.89 29.19
CA THR D 123 6.74 17.99 30.11
C THR D 123 6.54 17.56 31.56
N LYS D 124 5.48 16.78 31.84
CA LYS D 124 5.26 16.30 33.20
C LYS D 124 6.37 15.35 33.62
N TYR D 125 6.88 14.54 32.70
CA TYR D 125 7.93 13.58 33.02
C TYR D 125 9.25 14.28 33.33
N THR D 126 9.56 15.34 32.59
CA THR D 126 10.82 16.04 32.79
C THR D 126 10.88 16.76 34.14
N SER D 127 9.75 17.30 34.60
CA SER D 127 9.67 17.96 35.90
C SER D 127 9.71 17.00 37.07
N ALA D 128 9.54 15.71 36.86
CA ALA D 128 9.55 14.74 37.99
C ALA D 128 10.94 14.66 38.66
N HIS E 43 -51.28 -13.54 -2.49
CA HIS E 43 -50.51 -13.36 -1.24
C HIS E 43 -49.01 -13.08 -1.45
N ARG E 44 -48.32 -13.72 -2.40
CA ARG E 44 -46.84 -13.72 -2.48
C ARG E 44 -46.21 -12.33 -2.66
N TYR E 45 -45.00 -12.17 -2.14
CA TYR E 45 -44.24 -10.93 -2.15
C TYR E 45 -43.78 -10.58 -3.56
N ARG E 46 -43.75 -9.28 -3.85
CA ARG E 46 -43.26 -8.82 -5.15
C ARG E 46 -41.75 -9.03 -5.23
N PRO E 47 -41.22 -9.21 -6.44
CA PRO E 47 -39.76 -9.38 -6.59
C PRO E 47 -39.00 -8.16 -6.06
N GLY E 48 -38.14 -8.40 -5.09
CA GLY E 48 -37.32 -7.37 -4.49
C GLY E 48 -37.65 -7.07 -3.03
N THR E 49 -38.87 -7.35 -2.60
CA THR E 49 -39.22 -7.13 -1.19
C THR E 49 -38.40 -8.04 -0.28
N VAL E 50 -38.36 -9.33 -0.60
CA VAL E 50 -37.54 -10.27 0.18
C VAL E 50 -36.06 -9.92 0.04
N ALA E 51 -35.65 -9.45 -1.14
CA ALA E 51 -34.26 -9.05 -1.33
C ALA E 51 -33.88 -7.89 -0.41
N LEU E 52 -34.76 -6.89 -0.29
CA LEU E 52 -34.47 -5.77 0.61
C LEU E 52 -34.47 -6.21 2.07
N ARG E 53 -35.41 -7.09 2.45
CA ARG E 53 -35.38 -7.62 3.80
C ARG E 53 -34.07 -8.37 4.08
N GLU E 54 -33.60 -9.15 3.11
CA GLU E 54 -32.35 -9.88 3.27
C GLU E 54 -31.17 -8.92 3.39
N ILE E 55 -31.19 -7.83 2.61
CA ILE E 55 -30.11 -6.84 2.70
C ILE E 55 -30.05 -6.27 4.11
N ARG E 56 -31.20 -5.86 4.67
CA ARG E 56 -31.26 -5.30 6.03
C ARG E 56 -30.80 -6.33 7.04
N HIS E 57 -31.22 -7.59 6.91
CA HIS E 57 -30.85 -8.63 7.87
C HIS E 57 -29.35 -8.89 7.84
N TYR E 58 -28.77 -9.03 6.66
CA TYR E 58 -27.37 -9.42 6.55
C TYR E 58 -26.42 -8.25 6.79
N GLN E 59 -26.85 -7.02 6.55
CA GLN E 59 -26.03 -5.88 6.97
C GLN E 59 -26.15 -5.62 8.46
N LYS E 60 -27.19 -6.16 9.11
CA LYS E 60 -27.29 -6.06 10.56
C LYS E 60 -26.36 -7.02 11.30
N SER E 61 -26.00 -8.15 10.70
CA SER E 61 -25.33 -9.24 11.40
C SER E 61 -23.83 -9.24 11.14
N THR E 62 -23.14 -10.14 11.84
CA THR E 62 -21.68 -10.23 11.78
C THR E 62 -21.14 -11.65 11.61
N GLU E 63 -22.00 -12.65 11.47
CA GLU E 63 -21.54 -14.03 11.41
C GLU E 63 -21.00 -14.37 10.01
N LEU E 64 -20.30 -15.49 9.94
CA LEU E 64 -19.74 -15.95 8.67
C LEU E 64 -20.84 -16.46 7.75
N LEU E 65 -20.80 -16.12 6.49
CA LEU E 65 -21.82 -16.40 5.48
C LEU E 65 -21.49 -17.64 4.64
N ILE E 66 -20.27 -18.18 4.72
CA ILE E 66 -19.88 -19.41 4.04
C ILE E 66 -19.81 -20.52 5.06
N ARG E 67 -20.21 -21.72 4.68
CA ARG E 67 -20.17 -22.86 5.58
C ARG E 67 -18.73 -23.35 5.76
N LYS E 68 -18.42 -23.74 6.99
CA LYS E 68 -17.03 -23.94 7.42
C LYS E 68 -16.38 -25.15 6.77
N LEU E 69 -17.05 -26.29 6.65
CA LEU E 69 -16.44 -27.48 6.07
C LEU E 69 -16.11 -27.33 4.59
N PRO E 70 -17.00 -26.83 3.72
CA PRO E 70 -16.61 -26.63 2.32
C PRO E 70 -15.45 -25.66 2.16
N PHE E 71 -15.43 -24.57 2.93
CA PHE E 71 -14.33 -23.62 2.83
C PHE E 71 -13.01 -24.26 3.25
N GLN E 72 -13.04 -25.04 4.32
CA GLN E 72 -11.84 -25.73 4.78
C GLN E 72 -11.32 -26.70 3.72
N ARG E 73 -12.24 -27.45 3.08
CA ARG E 73 -11.82 -28.35 2.02
C ARG E 73 -11.20 -27.58 0.85
N LEU E 74 -11.80 -26.45 0.50
CA LEU E 74 -11.24 -25.63 -0.58
C LEU E 74 -9.84 -25.15 -0.23
N VAL E 75 -9.64 -24.68 1.00
CA VAL E 75 -8.34 -24.16 1.42
C VAL E 75 -7.29 -25.27 1.36
N ARG E 76 -7.62 -26.46 1.87
CA ARG E 76 -6.67 -27.55 1.84
C ARG E 76 -6.35 -27.99 0.41
N GLU E 77 -7.36 -28.01 -0.46
CA GLU E 77 -7.13 -28.37 -1.86
C GLU E 77 -6.21 -27.37 -2.55
N ILE E 78 -6.39 -26.08 -2.24
CA ILE E 78 -5.48 -25.07 -2.81
C ILE E 78 -4.07 -25.25 -2.25
N ALA E 79 -3.96 -25.47 -0.94
CA ALA E 79 -2.64 -25.53 -0.29
C ALA E 79 -1.85 -26.75 -0.72
N GLN E 80 -2.52 -27.83 -1.11
CA GLN E 80 -1.78 -29.03 -1.51
C GLN E 80 -0.95 -28.81 -2.76
N ASP E 81 -1.20 -27.74 -3.51
CA ASP E 81 -0.38 -27.45 -4.69
C ASP E 81 0.97 -26.83 -4.32
N PHE E 82 1.05 -26.16 -3.18
CA PHE E 82 2.29 -25.52 -2.75
C PHE E 82 3.14 -26.41 -1.86
N LYS E 83 2.51 -27.26 -1.06
CA LYS E 83 3.23 -28.20 -0.21
C LYS E 83 2.33 -29.36 0.18
N THR E 84 2.90 -30.57 0.11
CA THR E 84 2.14 -31.81 0.42
C THR E 84 2.19 -32.12 1.91
N ASP E 85 1.11 -32.67 2.45
CA ASP E 85 1.02 -33.06 3.85
C ASP E 85 1.12 -31.85 4.78
N LEU E 86 0.40 -30.79 4.41
CA LEU E 86 0.32 -29.59 5.23
C LEU E 86 -0.75 -29.75 6.29
N ARG E 87 -0.41 -29.33 7.51
CA ARG E 87 -1.38 -29.24 8.59
C ARG E 87 -1.77 -27.78 8.80
N PHE E 88 -2.93 -27.59 9.42
CA PHE E 88 -3.48 -26.26 9.67
C PHE E 88 -3.95 -26.19 11.11
N GLN E 89 -3.63 -25.09 11.79
CA GLN E 89 -4.37 -24.77 13.00
C GLN E 89 -5.79 -24.37 12.63
N ARG E 90 -6.71 -24.61 13.56
CA ARG E 90 -8.13 -24.24 13.31
C ARG E 90 -8.24 -22.73 13.14
N ALA E 91 -7.54 -21.97 14.00
CA ALA E 91 -7.61 -20.51 13.92
C ALA E 91 -7.07 -20.00 12.60
N ALA E 92 -6.15 -20.73 11.96
CA ALA E 92 -5.65 -20.32 10.65
C ALA E 92 -6.75 -20.33 9.60
N ILE E 93 -7.51 -21.44 9.53
CA ILE E 93 -8.61 -21.52 8.57
C ILE E 93 -9.69 -20.50 8.92
N GLY E 94 -9.95 -20.30 10.21
CA GLY E 94 -10.91 -19.28 10.61
C GLY E 94 -10.51 -17.88 10.16
N THR E 95 -9.23 -17.53 10.34
CA THR E 95 -8.72 -16.24 9.89
C THR E 95 -8.84 -16.10 8.38
N LEU E 96 -8.51 -17.17 7.65
CA LEU E 96 -8.64 -17.14 6.20
C LEU E 96 -10.08 -16.89 5.77
N GLN E 97 -11.03 -17.55 6.42
CA GLN E 97 -12.43 -17.35 6.05
C GLN E 97 -12.89 -15.93 6.36
N GLU E 98 -12.51 -15.40 7.52
CA GLU E 98 -12.88 -14.03 7.87
C GLU E 98 -12.37 -13.05 6.82
N ALA E 99 -11.08 -13.16 6.47
CA ALA E 99 -10.51 -12.26 5.48
C ALA E 99 -11.17 -12.42 4.11
N SER E 100 -11.41 -13.67 3.68
CA SER E 100 -11.99 -13.90 2.37
C SER E 100 -13.40 -13.31 2.28
N GLU E 101 -14.21 -13.52 3.31
CA GLU E 101 -15.57 -12.99 3.28
C GLU E 101 -15.57 -11.47 3.30
N ALA E 102 -14.67 -10.85 4.07
CA ALA E 102 -14.56 -9.40 4.03
C ALA E 102 -14.19 -8.90 2.64
N TYR E 103 -13.22 -9.58 2.01
CA TYR E 103 -12.79 -9.18 0.67
C TYR E 103 -13.93 -9.28 -0.34
N LEU E 104 -14.68 -10.39 -0.30
CA LEU E 104 -15.78 -10.57 -1.25
C LEU E 104 -16.89 -9.55 -1.01
N VAL E 105 -17.18 -9.21 0.25
CA VAL E 105 -18.23 -8.23 0.52
C VAL E 105 -17.82 -6.85 0.01
N GLY E 106 -16.58 -6.45 0.24
CA GLY E 106 -16.11 -5.17 -0.30
C GLY E 106 -16.17 -5.14 -1.82
N LEU E 107 -15.79 -6.26 -2.46
CA LEU E 107 -15.86 -6.33 -3.90
C LEU E 107 -17.29 -6.19 -4.40
N PHE E 108 -18.25 -6.81 -3.71
CA PHE E 108 -19.64 -6.70 -4.14
C PHE E 108 -20.17 -5.28 -3.93
N GLU E 109 -19.73 -4.58 -2.91
CA GLU E 109 -20.08 -3.17 -2.78
C GLU E 109 -19.62 -2.36 -3.99
N ASP E 110 -18.34 -2.53 -4.37
CA ASP E 110 -17.84 -1.80 -5.54
C ASP E 110 -18.57 -2.19 -6.82
N THR E 111 -18.84 -3.49 -6.98
CA THR E 111 -19.56 -3.98 -8.15
C THR E 111 -20.96 -3.38 -8.23
N ASN E 112 -21.65 -3.28 -7.09
CA ASN E 112 -22.97 -2.68 -7.06
C ASN E 112 -22.91 -1.22 -7.48
N LEU E 113 -21.87 -0.51 -7.05
CA LEU E 113 -21.70 0.86 -7.53
C LEU E 113 -21.55 0.90 -9.06
N CYS E 114 -20.77 -0.02 -9.63
CA CYS E 114 -20.60 -0.03 -11.08
C CYS E 114 -21.91 -0.31 -11.80
N ALA E 115 -22.69 -1.27 -11.30
CA ALA E 115 -23.97 -1.60 -11.92
C ALA E 115 -24.93 -0.42 -11.86
N ILE E 116 -24.98 0.28 -10.72
CA ILE E 116 -25.82 1.47 -10.64
C ILE E 116 -25.33 2.54 -11.59
N HIS E 117 -24.01 2.68 -11.75
CA HIS E 117 -23.46 3.65 -12.69
C HIS E 117 -23.94 3.36 -14.11
N ALA E 118 -24.07 2.12 -14.53
CA ALA E 118 -24.62 1.76 -15.84
C ALA E 118 -26.15 1.93 -15.96
N THR E 119 -26.84 2.44 -14.93
CA THR E 119 -28.31 2.53 -14.78
C THR E 119 -29.04 1.18 -14.73
N ARG E 120 -28.34 0.09 -14.39
CA ARG E 120 -28.92 -1.22 -14.08
C ARG E 120 -29.15 -1.37 -12.58
N VAL E 121 -29.86 -2.42 -12.19
CA VAL E 121 -29.95 -2.89 -10.81
C VAL E 121 -29.44 -4.31 -10.67
N THR E 122 -29.01 -4.94 -11.75
CA THR E 122 -28.46 -6.29 -11.74
C THR E 122 -26.95 -6.18 -11.91
N ILE E 123 -26.20 -6.76 -10.98
CA ILE E 123 -24.75 -6.85 -11.14
C ILE E 123 -24.45 -7.93 -12.17
N MET E 124 -23.48 -7.66 -13.03
CA MET E 124 -23.08 -8.51 -14.12
C MET E 124 -21.57 -8.72 -14.08
N PRO E 125 -21.06 -9.76 -14.75
CA PRO E 125 -19.61 -10.01 -14.69
C PRO E 125 -18.76 -8.83 -15.14
N LYS E 126 -19.23 -8.03 -16.10
CA LYS E 126 -18.49 -6.85 -16.52
C LYS E 126 -18.35 -5.84 -15.39
N ASP E 127 -19.34 -5.76 -14.50
CA ASP E 127 -19.21 -4.89 -13.34
C ASP E 127 -18.09 -5.34 -12.42
N ILE E 128 -18.00 -6.65 -12.15
CA ILE E 128 -16.91 -7.18 -11.35
C ILE E 128 -15.57 -6.91 -12.02
N GLN E 129 -15.51 -7.12 -13.34
CA GLN E 129 -14.27 -6.89 -14.07
C GLN E 129 -13.83 -5.44 -13.97
N LEU E 130 -14.75 -4.50 -14.14
CA LEU E 130 -14.41 -3.09 -14.04
C LEU E 130 -13.93 -2.74 -12.63
N ALA E 131 -14.65 -3.21 -11.61
CA ALA E 131 -14.28 -2.89 -10.23
C ALA E 131 -12.91 -3.43 -9.89
N ARG E 132 -12.60 -4.65 -10.36
CA ARG E 132 -11.30 -5.22 -10.05
C ARG E 132 -10.18 -4.53 -10.82
N HIS E 133 -10.43 -4.14 -12.07
CA HIS E 133 -9.41 -3.43 -12.83
C HIS E 133 -9.07 -2.10 -12.17
N ILE E 134 -10.09 -1.35 -11.76
CA ILE E 134 -9.82 -0.03 -11.18
C ILE E 134 -9.09 -0.17 -9.84
N ARG E 135 -9.40 -1.21 -9.08
CA ARG E 135 -8.71 -1.46 -7.82
C ARG E 135 -7.26 -1.89 -8.02
N GLY E 136 -6.84 -2.20 -9.24
CA GLY E 136 -5.50 -2.65 -9.50
C GLY E 136 -5.27 -4.13 -9.38
N GLU E 137 -6.31 -4.95 -9.28
CA GLU E 137 -6.21 -6.40 -9.09
C GLU E 137 -5.77 -7.16 -10.35
N ARG E 138 -5.46 -8.45 -10.21
CA ARG E 138 -5.02 -9.34 -11.30
C ARG E 138 -6.20 -9.68 -12.22
N VAL E 139 -6.27 -9.01 -13.38
CA VAL E 139 -7.39 -9.05 -14.36
C VAL E 139 -6.95 -9.44 -15.76
N VAL F 25 -7.08 -37.40 -1.98
CA VAL F 25 -6.77 -36.13 -2.62
C VAL F 25 -8.05 -35.36 -2.92
N LEU F 26 -8.09 -34.11 -2.47
CA LEU F 26 -9.27 -33.28 -2.66
C LEU F 26 -9.35 -32.78 -4.10
N ARG F 27 -10.58 -32.74 -4.64
CA ARG F 27 -10.82 -32.29 -6.00
C ARG F 27 -12.14 -31.56 -6.09
N ASP F 28 -12.15 -30.45 -6.84
CA ASP F 28 -13.37 -29.72 -7.19
C ASP F 28 -14.16 -29.27 -5.97
N ASN F 29 -13.46 -28.67 -5.01
CA ASN F 29 -14.11 -28.15 -3.81
C ASN F 29 -14.58 -26.70 -3.98
N ILE F 30 -14.26 -26.06 -5.10
CA ILE F 30 -14.71 -24.69 -5.34
C ILE F 30 -16.24 -24.64 -5.44
N GLN F 31 -16.87 -25.73 -5.88
CA GLN F 31 -18.32 -25.77 -5.94
C GLN F 31 -18.96 -25.84 -4.57
N GLY F 32 -18.19 -26.13 -3.52
CA GLY F 32 -18.71 -26.04 -2.16
C GLY F 32 -19.08 -24.64 -1.74
N ILE F 33 -18.58 -23.63 -2.46
CA ILE F 33 -19.03 -22.26 -2.31
C ILE F 33 -20.32 -22.12 -3.11
N THR F 34 -21.45 -22.36 -2.46
CA THR F 34 -22.70 -22.51 -3.14
C THR F 34 -23.27 -21.16 -3.58
N LYS F 35 -24.17 -21.20 -4.57
CA LYS F 35 -24.98 -20.09 -5.04
C LYS F 35 -25.66 -19.32 -3.90
N PRO F 36 -26.35 -19.94 -2.93
CA PRO F 36 -26.94 -19.18 -1.81
C PRO F 36 -25.90 -18.49 -0.92
N ALA F 37 -24.72 -19.09 -0.74
CA ALA F 37 -23.67 -18.41 0.01
C ALA F 37 -23.19 -17.14 -0.70
N ILE F 38 -23.00 -17.22 -2.02
CA ILE F 38 -22.63 -16.05 -2.78
C ILE F 38 -23.73 -14.99 -2.72
N ARG F 39 -25.00 -15.41 -2.79
CA ARG F 39 -26.13 -14.50 -2.64
C ARG F 39 -26.09 -13.83 -1.28
N ARG F 40 -25.83 -14.54 -0.18
CA ARG F 40 -25.73 -13.92 1.13
C ARG F 40 -24.61 -12.88 1.16
N LEU F 41 -23.44 -13.19 0.62
CA LEU F 41 -22.32 -12.25 0.55
C LEU F 41 -22.69 -11.02 -0.27
N ALA F 42 -23.41 -11.18 -1.37
CA ALA F 42 -23.87 -10.04 -2.15
C ALA F 42 -24.87 -9.20 -1.37
N ARG F 43 -25.73 -9.84 -0.59
CA ARG F 43 -26.71 -9.11 0.21
C ARG F 43 -26.01 -8.26 1.27
N ARG F 44 -24.98 -8.80 1.92
CA ARG F 44 -24.24 -7.99 2.88
C ARG F 44 -23.57 -6.80 2.22
N GLY F 45 -23.27 -6.90 0.93
CA GLY F 45 -22.75 -5.79 0.14
C GLY F 45 -23.80 -4.89 -0.47
N GLY F 46 -25.07 -5.12 -0.17
CA GLY F 46 -26.13 -4.25 -0.64
C GLY F 46 -26.60 -4.50 -2.06
N VAL F 47 -26.43 -5.71 -2.58
CA VAL F 47 -26.80 -6.02 -3.96
C VAL F 47 -28.22 -6.56 -3.98
N LYS F 48 -29.04 -6.02 -4.89
CA LYS F 48 -30.45 -6.38 -4.93
C LYS F 48 -30.77 -7.45 -5.97
N ARG F 49 -30.16 -7.39 -7.15
CA ARG F 49 -30.41 -8.34 -8.22
C ARG F 49 -29.09 -8.85 -8.77
N ILE F 50 -29.02 -10.16 -9.01
CA ILE F 50 -27.77 -10.83 -9.38
C ILE F 50 -27.97 -11.56 -10.70
N SER F 51 -27.02 -11.40 -11.61
CA SER F 51 -27.05 -12.12 -12.87
C SER F 51 -26.63 -13.57 -12.66
N GLY F 52 -27.14 -14.45 -13.52
CA GLY F 52 -26.87 -15.87 -13.41
C GLY F 52 -25.42 -16.25 -13.62
N LEU F 53 -24.67 -15.43 -14.34
CA LEU F 53 -23.27 -15.71 -14.62
C LEU F 53 -22.33 -15.18 -13.54
N ILE F 54 -22.87 -14.59 -12.48
CA ILE F 54 -22.04 -13.98 -11.45
C ILE F 54 -21.37 -15.04 -10.57
N TYR F 55 -22.01 -16.20 -10.38
CA TYR F 55 -21.54 -17.23 -9.47
C TYR F 55 -20.20 -17.84 -9.89
N GLU F 56 -20.00 -18.14 -11.16
CA GLU F 56 -18.72 -18.68 -11.63
C GLU F 56 -17.62 -17.61 -11.56
N GLU F 57 -17.95 -16.37 -11.92
CA GLU F 57 -16.98 -15.28 -11.83
C GLU F 57 -16.52 -15.07 -10.39
N THR F 58 -17.47 -15.10 -9.45
CA THR F 58 -17.13 -14.94 -8.03
C THR F 58 -16.26 -16.09 -7.55
N ARG F 59 -16.53 -17.31 -8.00
CA ARG F 59 -15.68 -18.44 -7.64
C ARG F 59 -14.26 -18.26 -8.17
N GLY F 60 -14.13 -17.77 -9.41
CA GLY F 60 -12.78 -17.50 -9.93
C GLY F 60 -12.04 -16.45 -9.11
N VAL F 61 -12.74 -15.38 -8.75
CA VAL F 61 -12.11 -14.30 -7.98
C VAL F 61 -11.65 -14.82 -6.62
N LEU F 62 -12.52 -15.58 -5.94
CA LEU F 62 -12.16 -16.13 -4.65
C LEU F 62 -10.97 -17.07 -4.75
N LYS F 63 -10.93 -17.92 -5.79
CA LYS F 63 -9.82 -18.85 -6.00
C LYS F 63 -8.52 -18.10 -6.20
N VAL F 64 -8.50 -16.98 -6.93
CA VAL F 64 -7.28 -16.20 -7.12
C VAL F 64 -6.81 -15.59 -5.79
N PHE F 65 -7.73 -14.96 -5.06
CA PHE F 65 -7.38 -14.34 -3.78
C PHE F 65 -6.80 -15.36 -2.81
N LEU F 66 -7.46 -16.52 -2.69
CA LEU F 66 -7.01 -17.56 -1.79
C LEU F 66 -5.65 -18.12 -2.22
N GLU F 67 -5.43 -18.28 -3.53
CA GLU F 67 -4.15 -18.78 -3.98
C GLU F 67 -3.02 -17.85 -3.55
N ASN F 68 -3.18 -16.54 -3.73
CA ASN F 68 -2.12 -15.62 -3.34
C ASN F 68 -1.86 -15.68 -1.83
N VAL F 69 -2.94 -15.57 -1.04
CA VAL F 69 -2.76 -15.55 0.42
C VAL F 69 -2.11 -16.84 0.90
N ILE F 70 -2.58 -17.99 0.41
CA ILE F 70 -2.09 -19.27 0.89
C ILE F 70 -0.65 -19.50 0.45
N ARG F 71 -0.28 -19.06 -0.75
CA ARG F 71 1.11 -19.19 -1.18
C ARG F 71 2.03 -18.43 -0.24
N ASP F 72 1.66 -17.19 0.12
CA ASP F 72 2.51 -16.45 1.04
C ASP F 72 2.53 -17.09 2.43
N ALA F 73 1.38 -17.58 2.91
CA ALA F 73 1.35 -18.22 4.22
C ALA F 73 2.23 -19.45 4.28
N VAL F 74 2.21 -20.26 3.22
CA VAL F 74 3.04 -21.46 3.18
C VAL F 74 4.51 -21.08 3.07
N THR F 75 4.85 -20.01 2.37
CA THR F 75 6.23 -19.54 2.35
C THR F 75 6.70 -19.20 3.76
N TYR F 76 5.86 -18.46 4.51
CA TYR F 76 6.22 -18.15 5.90
C TYR F 76 6.38 -19.42 6.73
N THR F 77 5.47 -20.37 6.56
CA THR F 77 5.55 -21.61 7.32
C THR F 77 6.85 -22.37 7.01
N GLU F 78 7.19 -22.50 5.72
CA GLU F 78 8.39 -23.22 5.33
C GLU F 78 9.64 -22.54 5.85
N HIS F 79 9.68 -21.20 5.86
CA HIS F 79 10.86 -20.53 6.39
C HIS F 79 11.10 -20.87 7.86
N ALA F 80 10.04 -21.15 8.62
CA ALA F 80 10.14 -21.46 10.03
C ALA F 80 10.46 -22.93 10.30
N LYS F 81 10.68 -23.73 9.24
CA LYS F 81 10.87 -25.18 9.36
C LYS F 81 9.72 -25.85 10.08
N ARG F 82 8.49 -25.38 9.84
CA ARG F 82 7.29 -25.97 10.42
C ARG F 82 6.53 -26.73 9.34
N LYS F 83 5.64 -27.62 9.79
CA LYS F 83 4.70 -28.37 8.96
C LYS F 83 3.25 -27.95 9.18
N THR F 84 2.98 -27.08 10.16
CA THR F 84 1.64 -26.60 10.48
C THR F 84 1.57 -25.11 10.17
N VAL F 85 0.54 -24.72 9.42
CA VAL F 85 0.29 -23.30 9.16
C VAL F 85 -0.42 -22.72 10.37
N THR F 86 0.17 -21.69 10.96
CA THR F 86 -0.41 -21.03 12.11
C THR F 86 -1.28 -19.85 11.67
N ALA F 87 -2.09 -19.36 12.61
CA ALA F 87 -2.87 -18.16 12.35
C ALA F 87 -1.97 -16.95 12.17
N MET F 88 -0.84 -16.91 12.84
CA MET F 88 0.10 -15.81 12.66
C MET F 88 0.72 -15.86 11.25
N ASP F 89 0.95 -17.03 10.64
CA ASP F 89 1.39 -17.08 9.25
C ASP F 89 0.35 -16.45 8.33
N VAL F 90 -0.93 -16.76 8.57
CA VAL F 90 -2.00 -16.19 7.75
C VAL F 90 -2.06 -14.68 7.95
N VAL F 91 -1.89 -14.16 9.17
CA VAL F 91 -2.00 -12.73 9.45
C VAL F 91 -0.80 -12.06 8.74
N TYR F 92 0.41 -12.63 8.74
CA TYR F 92 1.53 -12.02 8.01
C TYR F 92 1.28 -12.04 6.51
N ALA F 93 0.77 -13.16 5.98
CA ALA F 93 0.49 -13.23 4.56
C ALA F 93 -0.54 -12.19 4.13
N LEU F 94 -1.60 -11.97 4.93
CA LEU F 94 -2.60 -10.94 4.67
C LEU F 94 -1.99 -9.53 4.77
N LYS F 95 -1.11 -9.27 5.74
CA LYS F 95 -0.33 -8.03 5.86
C LYS F 95 0.56 -7.76 4.64
N ARG F 96 1.18 -8.78 4.04
CA ARG F 96 1.87 -8.71 2.72
C ARG F 96 0.96 -8.28 1.59
N GLN F 97 -0.28 -8.79 1.52
CA GLN F 97 -1.23 -8.47 0.41
C GLN F 97 -1.69 -6.97 0.65
N GLY F 98 -1.40 -6.27 1.77
CA GLY F 98 -2.03 -4.97 2.09
C GLY F 98 -3.47 -5.08 2.64
N ARG F 99 -3.76 -6.16 3.36
CA ARG F 99 -5.07 -6.56 3.88
C ARG F 99 -4.98 -6.82 5.38
N THR F 100 -4.45 -5.83 6.12
CA THR F 100 -4.26 -5.96 7.56
C THR F 100 -5.55 -6.35 8.26
N LEU F 101 -5.44 -7.33 9.15
CA LEU F 101 -6.57 -7.93 9.84
C LEU F 101 -6.36 -7.80 11.35
N TYR F 102 -7.34 -7.23 12.04
CA TYR F 102 -7.30 -7.10 13.49
C TYR F 102 -8.05 -8.26 14.13
N GLY F 103 -7.46 -8.83 15.18
CA GLY F 103 -8.05 -9.99 15.80
C GLY F 103 -7.79 -11.25 14.99
N PHE F 104 -8.52 -12.32 15.27
CA PHE F 104 -8.38 -13.61 14.58
C PHE F 104 -9.77 -14.17 14.25
N GLY F 105 -9.86 -14.91 13.14
CA GLY F 105 -11.16 -15.32 12.62
C GLY F 105 -11.77 -16.50 13.36
N GLY F 106 -10.96 -17.28 14.09
CA GLY F 106 -11.43 -18.36 14.98
C GLY F 106 -11.91 -19.61 14.25
N ARG G 15 50.57 -11.41 3.80
CA ARG G 15 49.21 -11.29 3.26
C ARG G 15 49.12 -11.75 1.82
N ALA G 16 48.03 -12.45 1.47
CA ALA G 16 47.76 -12.81 0.08
C ALA G 16 47.33 -11.60 -0.77
N LYS G 17 47.41 -11.69 -2.11
CA LYS G 17 46.91 -10.62 -2.98
C LYS G 17 45.40 -10.48 -2.79
N ALA G 18 44.94 -9.26 -2.56
CA ALA G 18 43.55 -9.03 -2.23
C ALA G 18 42.64 -9.37 -3.40
N LYS G 19 41.49 -9.97 -3.09
CA LYS G 19 40.45 -10.26 -4.07
C LYS G 19 39.12 -9.72 -3.57
N THR G 20 38.41 -9.01 -4.44
CA THR G 20 37.07 -8.57 -4.10
C THR G 20 36.12 -9.75 -4.00
N ARG G 21 35.18 -9.67 -3.06
CA ARG G 21 34.21 -10.74 -2.89
C ARG G 21 33.32 -10.88 -4.11
N SER G 22 33.14 -9.80 -4.87
CA SER G 22 32.37 -9.88 -6.11
C SER G 22 33.02 -10.81 -7.11
N SER G 23 34.35 -10.75 -7.22
CA SER G 23 35.05 -11.60 -8.18
C SER G 23 35.08 -13.06 -7.70
N ARG G 24 35.10 -13.28 -6.39
CA ARG G 24 35.02 -14.63 -5.86
C ARG G 24 33.69 -15.28 -6.22
N ALA G 25 32.61 -14.50 -6.20
CA ALA G 25 31.28 -14.99 -6.50
C ALA G 25 30.92 -14.85 -7.98
N GLY G 26 31.81 -14.30 -8.81
CA GLY G 26 31.54 -14.11 -10.22
C GLY G 26 30.45 -13.11 -10.51
N LEU G 27 30.49 -11.96 -9.84
CA LEU G 27 29.46 -10.94 -9.95
C LEU G 27 30.05 -9.62 -10.43
N GLN G 28 29.18 -8.79 -11.01
CA GLN G 28 29.53 -7.41 -11.33
C GLN G 28 29.04 -6.42 -10.29
N PHE G 29 27.96 -6.74 -9.57
CA PHE G 29 27.52 -5.87 -8.49
C PHE G 29 28.39 -6.06 -7.26
N PRO G 30 28.60 -4.99 -6.47
CA PRO G 30 29.62 -5.00 -5.41
C PRO G 30 29.12 -5.66 -4.13
N VAL G 31 29.71 -6.81 -3.78
CA VAL G 31 29.30 -7.54 -2.59
C VAL G 31 29.66 -6.76 -1.34
N GLY G 32 30.83 -6.12 -1.32
CA GLY G 32 31.25 -5.38 -0.14
C GLY G 32 30.33 -4.21 0.18
N ARG G 33 29.93 -3.44 -0.83
CA ARG G 33 29.05 -2.31 -0.59
C ARG G 33 27.67 -2.76 -0.15
N VAL G 34 27.18 -3.88 -0.69
CA VAL G 34 25.91 -4.43 -0.24
C VAL G 34 26.01 -4.84 1.23
N HIS G 35 27.12 -5.48 1.60
CA HIS G 35 27.33 -5.84 3.00
C HIS G 35 27.33 -4.60 3.90
N ARG G 36 28.02 -3.54 3.50
CA ARG G 36 28.06 -2.30 4.27
C ARG G 36 26.69 -1.65 4.38
N LEU G 37 25.89 -1.65 3.31
CA LEU G 37 24.54 -1.10 3.39
C LEU G 37 23.64 -1.94 4.29
N LEU G 38 23.82 -3.27 4.27
CA LEU G 38 23.05 -4.13 5.16
C LEU G 38 23.43 -3.87 6.62
N ARG G 39 24.71 -3.65 6.90
CA ARG G 39 25.14 -3.46 8.29
C ARG G 39 24.64 -2.14 8.86
N LYS G 40 24.61 -1.08 8.04
CA LYS G 40 24.29 0.24 8.53
C LYS G 40 22.81 0.59 8.42
N GLY G 41 21.99 -0.28 7.85
CA GLY G 41 20.59 0.00 7.62
C GLY G 41 19.63 -0.38 8.73
N ASN G 42 20.14 -0.79 9.90
CA ASN G 42 19.30 -1.21 11.03
C ASN G 42 18.36 -2.34 10.63
N TYR G 43 18.91 -3.34 9.93
CA TYR G 43 18.11 -4.48 9.49
C TYR G 43 18.17 -5.65 10.46
N SER G 44 19.34 -5.91 11.04
CA SER G 44 19.48 -6.93 12.07
C SER G 44 20.77 -6.65 12.84
N GLU G 45 20.95 -7.40 13.92
CA GLU G 45 22.16 -7.25 14.72
C GLU G 45 23.38 -7.82 14.03
N ARG G 46 23.24 -8.94 13.31
CA ARG G 46 24.34 -9.60 12.64
C ARG G 46 23.97 -9.89 11.20
N VAL G 47 24.97 -9.95 10.33
CA VAL G 47 24.77 -10.22 8.91
C VAL G 47 25.67 -11.39 8.53
N GLY G 48 25.05 -12.45 8.02
CA GLY G 48 25.80 -13.62 7.59
C GLY G 48 26.65 -13.35 6.37
N ALA G 49 27.56 -14.28 6.10
CA ALA G 49 28.53 -14.08 5.03
C ALA G 49 27.88 -14.22 3.66
N GLY G 50 26.93 -15.15 3.51
CA GLY G 50 26.33 -15.39 2.21
C GLY G 50 25.20 -14.45 1.85
N ALA G 51 24.65 -13.73 2.81
CA ALA G 51 23.53 -12.82 2.52
C ALA G 51 23.89 -11.70 1.56
N PRO G 52 24.99 -10.95 1.76
CA PRO G 52 25.33 -9.92 0.75
C PRO G 52 25.62 -10.50 -0.63
N VAL G 53 26.22 -11.69 -0.69
CA VAL G 53 26.49 -12.33 -1.97
C VAL G 53 25.19 -12.66 -2.69
N TYR G 54 24.26 -13.28 -1.96
CA TYR G 54 22.96 -13.62 -2.54
C TYR G 54 22.20 -12.38 -2.99
N LEU G 55 22.22 -11.33 -2.17
CA LEU G 55 21.51 -10.10 -2.51
C LEU G 55 22.11 -9.43 -3.74
N ALA G 56 23.45 -9.38 -3.83
CA ALA G 56 24.09 -8.79 -4.99
C ALA G 56 23.76 -9.59 -6.25
N ALA G 57 23.72 -10.92 -6.13
CA ALA G 57 23.35 -11.75 -7.28
C ALA G 57 21.93 -11.46 -7.76
N VAL G 58 20.98 -11.35 -6.82
CA VAL G 58 19.60 -11.10 -7.22
C VAL G 58 19.46 -9.71 -7.86
N LEU G 59 20.10 -8.70 -7.26
CA LEU G 59 20.03 -7.35 -7.82
C LEU G 59 20.63 -7.31 -9.22
N GLU G 60 21.76 -7.98 -9.43
CA GLU G 60 22.36 -8.05 -10.76
C GLU G 60 21.43 -8.74 -11.76
N TYR G 61 20.77 -9.82 -11.34
CA TYR G 61 19.87 -10.51 -12.26
C TYR G 61 18.72 -9.61 -12.70
N LEU G 62 18.11 -8.91 -11.74
CA LEU G 62 16.98 -8.05 -12.10
C LEU G 62 17.43 -6.91 -13.01
N THR G 63 18.61 -6.33 -12.71
CA THR G 63 19.15 -5.29 -13.57
C THR G 63 19.37 -5.80 -14.98
N ALA G 64 19.92 -7.00 -15.12
CA ALA G 64 20.15 -7.57 -16.45
C ALA G 64 18.84 -7.79 -17.20
N GLU G 65 17.81 -8.29 -16.50
CA GLU G 65 16.52 -8.49 -17.16
C GLU G 65 15.98 -7.17 -17.72
N ILE G 66 15.94 -6.14 -16.87
CA ILE G 66 15.38 -4.86 -17.30
C ILE G 66 16.21 -4.27 -18.44
N LEU G 67 17.54 -4.27 -18.35
CA LEU G 67 18.37 -3.71 -19.41
C LEU G 67 18.28 -4.49 -20.70
N GLU G 68 18.11 -5.80 -20.65
CA GLU G 68 17.91 -6.56 -21.87
C GLU G 68 16.61 -6.15 -22.56
N LEU G 69 15.51 -6.09 -21.79
CA LEU G 69 14.25 -5.69 -22.40
C LEU G 69 14.30 -4.26 -22.93
N ALA G 70 14.94 -3.36 -22.18
CA ALA G 70 15.02 -1.97 -22.61
C ALA G 70 15.91 -1.80 -23.83
N GLY G 71 16.99 -2.58 -23.92
CA GLY G 71 17.81 -2.55 -25.12
C GLY G 71 17.08 -3.06 -26.35
N ASN G 72 16.26 -4.10 -26.17
CA ASN G 72 15.41 -4.55 -27.27
C ASN G 72 14.44 -3.46 -27.70
N ALA G 73 13.82 -2.78 -26.73
CA ALA G 73 12.89 -1.70 -27.05
C ALA G 73 13.60 -0.55 -27.78
N ALA G 74 14.83 -0.23 -27.36
CA ALA G 74 15.58 0.82 -28.02
C ALA G 74 15.97 0.42 -29.44
N ARG G 75 16.36 -0.84 -29.64
CA ARG G 75 16.72 -1.30 -30.97
C ARG G 75 15.52 -1.32 -31.91
N ASP G 76 14.33 -1.64 -31.38
CA ASP G 76 13.13 -1.62 -32.21
C ASP G 76 12.85 -0.23 -32.78
N ASN G 77 13.35 0.83 -32.14
CA ASN G 77 13.19 2.19 -32.64
C ASN G 77 14.43 2.70 -33.35
N LYS G 78 15.38 1.81 -33.67
CA LYS G 78 16.62 2.18 -34.34
C LYS G 78 17.42 3.19 -33.53
N LYS G 79 17.46 2.99 -32.21
CA LYS G 79 18.20 3.85 -31.30
C LYS G 79 19.38 3.10 -30.71
N THR G 80 20.41 3.86 -30.35
CA THR G 80 21.60 3.29 -29.72
C THR G 80 21.60 3.45 -28.21
N ARG G 81 21.11 4.58 -27.68
CA ARG G 81 21.09 4.87 -26.25
C ARG G 81 19.72 4.56 -25.66
N ILE G 82 19.72 4.00 -24.45
CA ILE G 82 18.48 3.74 -23.72
C ILE G 82 18.03 5.02 -23.03
N ILE G 83 16.77 5.39 -23.20
CA ILE G 83 16.17 6.57 -22.59
C ILE G 83 15.05 6.09 -21.65
N PRO G 84 14.52 6.93 -20.74
CA PRO G 84 13.45 6.49 -19.83
C PRO G 84 12.24 5.89 -20.52
N ARG G 85 11.93 6.37 -21.73
CA ARG G 85 10.81 5.80 -22.48
C ARG G 85 11.02 4.32 -22.76
N HIS G 86 12.24 3.90 -23.11
CA HIS G 86 12.54 2.49 -23.38
C HIS G 86 12.41 1.64 -22.12
N LEU G 87 12.79 2.18 -20.96
CA LEU G 87 12.58 1.47 -19.71
C LEU G 87 11.09 1.31 -19.41
N GLN G 88 10.32 2.37 -19.64
CA GLN G 88 8.87 2.29 -19.40
C GLN G 88 8.22 1.26 -20.31
N LEU G 89 8.59 1.27 -21.59
CA LEU G 89 8.04 0.30 -22.53
C LEU G 89 8.41 -1.11 -22.14
N ALA G 90 9.66 -1.31 -21.71
CA ALA G 90 10.10 -2.64 -21.29
C ALA G 90 9.31 -3.13 -20.08
N ILE G 91 9.12 -2.27 -19.08
CA ILE G 91 8.44 -2.64 -17.83
C ILE G 91 6.96 -2.91 -18.11
N ARG G 92 6.26 -2.06 -18.85
CA ARG G 92 4.81 -2.20 -19.00
C ARG G 92 4.44 -3.31 -19.98
N ASN G 93 5.33 -3.70 -20.88
CA ASN G 93 5.06 -4.74 -21.85
C ASN G 93 5.44 -6.13 -21.36
N ASP G 94 6.12 -6.24 -20.22
CA ASP G 94 6.51 -7.52 -19.65
C ASP G 94 5.67 -7.77 -18.41
N GLU G 95 5.08 -8.96 -18.31
CA GLU G 95 4.08 -9.22 -17.29
C GLU G 95 4.67 -9.20 -15.88
N GLU G 96 5.77 -9.93 -15.67
CA GLU G 96 6.34 -10.02 -14.33
C GLU G 96 6.90 -8.67 -13.87
N LEU G 97 7.60 -7.96 -14.75
CA LEU G 97 8.11 -6.64 -14.39
C LEU G 97 6.96 -5.68 -14.10
N ASN G 98 5.90 -5.74 -14.91
CA ASN G 98 4.75 -4.88 -14.68
C ASN G 98 4.10 -5.18 -13.34
N LYS G 99 4.07 -6.45 -12.92
CA LYS G 99 3.56 -6.85 -11.62
C LYS G 99 4.46 -6.37 -10.48
N LEU G 100 5.79 -6.45 -10.64
CA LEU G 100 6.70 -6.01 -9.59
C LEU G 100 6.70 -4.50 -9.43
N LEU G 101 6.72 -3.77 -10.54
CA LEU G 101 6.79 -2.32 -10.59
C LEU G 101 5.41 -1.71 -10.81
N GLY G 102 4.34 -2.29 -10.24
CA GLY G 102 2.96 -1.87 -10.50
C GLY G 102 2.60 -0.48 -9.98
N ARG G 103 3.08 -0.12 -8.78
CA ARG G 103 2.87 1.16 -8.10
C ARG G 103 3.99 2.21 -8.34
N VAL G 104 4.80 2.03 -9.38
CA VAL G 104 5.98 2.87 -9.68
C VAL G 104 5.73 3.77 -10.88
N THR G 105 6.06 5.06 -10.78
CA THR G 105 6.05 6.01 -11.89
C THR G 105 7.47 6.21 -12.40
N ILE G 106 7.68 6.06 -13.70
CA ILE G 106 8.96 6.34 -14.36
C ILE G 106 8.91 7.78 -14.85
N ALA G 107 9.82 8.64 -14.38
CA ALA G 107 9.86 10.03 -14.81
C ALA G 107 10.17 10.11 -16.30
N GLN G 108 9.29 10.81 -17.03
CA GLN G 108 9.34 10.90 -18.49
C GLN G 108 9.31 9.53 -19.15
N GLY G 109 8.49 8.64 -18.60
CA GLY G 109 8.27 7.36 -19.24
C GLY G 109 7.11 7.40 -20.20
N GLY G 110 6.16 8.30 -19.99
CA GLY G 110 4.97 8.31 -20.81
C GLY G 110 4.08 7.12 -20.48
N VAL G 111 3.27 6.72 -21.46
CA VAL G 111 2.31 5.64 -21.31
C VAL G 111 2.39 4.70 -22.51
N LEU G 112 1.80 3.52 -22.34
CA LEU G 112 1.65 2.60 -23.45
C LEU G 112 0.57 3.13 -24.40
N PRO G 113 0.80 3.13 -25.71
CA PRO G 113 -0.27 3.47 -26.66
C PRO G 113 -1.41 2.49 -26.56
N ASN G 114 -2.61 3.00 -26.27
CA ASN G 114 -3.77 2.14 -26.07
C ASN G 114 -5.03 2.97 -26.25
N ILE G 115 -5.78 2.68 -27.30
CA ILE G 115 -7.06 3.34 -27.58
C ILE G 115 -8.16 2.30 -27.52
N GLN G 116 -9.21 2.59 -26.74
CA GLN G 116 -10.32 1.66 -26.61
C GLN G 116 -11.05 1.52 -27.94
N ALA G 117 -11.45 0.27 -28.25
CA ALA G 117 -11.96 -0.05 -29.58
C ALA G 117 -13.27 0.67 -29.89
N VAL G 118 -14.10 0.94 -28.88
CA VAL G 118 -15.37 1.60 -29.12
C VAL G 118 -15.18 3.04 -29.60
N LEU G 119 -14.02 3.64 -29.34
CA LEU G 119 -13.76 5.01 -29.76
C LEU G 119 -13.26 5.12 -31.19
N LEU G 120 -12.88 4.02 -31.82
CA LEU G 120 -12.41 4.06 -33.19
C LEU G 120 -13.58 4.26 -34.16
N PRO G 121 -13.32 4.84 -35.35
CA PRO G 121 -14.36 5.12 -36.35
C PRO G 121 -15.05 3.88 -36.91
N LYS G 122 -16.17 4.07 -37.62
CA LYS G 122 -17.05 3.01 -38.16
C LYS G 122 -17.47 2.03 -37.07
N ARG H 37 30.46 13.29 -1.81
CA ARG H 37 30.85 12.03 -2.45
C ARG H 37 29.75 10.99 -2.31
N LYS H 38 28.64 11.19 -2.99
CA LYS H 38 27.52 10.26 -2.92
C LYS H 38 27.82 8.98 -3.70
N GLU H 39 27.28 7.87 -3.25
CA GLU H 39 27.50 6.56 -3.86
C GLU H 39 26.27 6.12 -4.66
N SER H 40 26.50 5.62 -5.86
CA SER H 40 25.45 5.14 -6.75
C SER H 40 25.92 3.86 -7.43
N TYR H 41 25.04 3.27 -8.23
CA TYR H 41 25.30 2.00 -8.89
C TYR H 41 25.60 2.15 -10.38
N SER H 42 25.92 3.36 -10.84
CA SER H 42 26.05 3.60 -12.27
C SER H 42 27.15 2.74 -12.90
N ILE H 43 28.29 2.57 -12.23
CA ILE H 43 29.37 1.79 -12.81
C ILE H 43 29.01 0.32 -12.94
N TYR H 44 28.27 -0.27 -11.99
CA TYR H 44 27.90 -1.68 -12.11
C TYR H 44 26.74 -1.87 -13.09
N VAL H 45 25.80 -0.93 -13.11
CA VAL H 45 24.72 -1.00 -14.10
C VAL H 45 25.29 -0.92 -15.50
N TYR H 46 26.28 -0.04 -15.70
CA TYR H 46 26.93 0.07 -17.00
C TYR H 46 27.68 -1.21 -17.35
N LYS H 47 28.36 -1.83 -16.39
CA LYS H 47 29.02 -3.10 -16.65
C LYS H 47 28.02 -4.18 -17.08
N VAL H 48 26.89 -4.27 -16.38
CA VAL H 48 25.87 -5.26 -16.72
C VAL H 48 25.30 -4.98 -18.11
N LEU H 49 25.05 -3.70 -18.42
CA LEU H 49 24.58 -3.26 -19.72
C LEU H 49 25.54 -3.72 -20.80
N LYS H 50 26.85 -3.50 -20.66
CA LYS H 50 27.82 -3.98 -21.65
C LYS H 50 27.93 -5.49 -21.70
N GLN H 51 27.59 -6.20 -20.64
CA GLN H 51 27.47 -7.65 -20.65
C GLN H 51 26.25 -8.10 -21.48
N VAL H 52 25.12 -7.37 -21.46
CA VAL H 52 23.93 -7.83 -22.18
C VAL H 52 23.78 -7.17 -23.56
N HIS H 53 24.25 -5.93 -23.71
CA HIS H 53 24.10 -5.20 -24.97
C HIS H 53 25.41 -4.46 -25.24
N PRO H 54 26.38 -5.12 -25.88
CA PRO H 54 27.71 -4.50 -26.03
C PRO H 54 27.71 -3.18 -26.78
N ASP H 55 26.85 -3.04 -27.79
CA ASP H 55 26.76 -1.89 -28.66
C ASP H 55 25.79 -0.80 -28.16
N THR H 56 25.16 -0.96 -26.98
CA THR H 56 24.10 -0.08 -26.52
C THR H 56 24.61 0.82 -25.40
N GLY H 57 24.29 2.11 -25.48
CA GLY H 57 24.58 3.05 -24.43
C GLY H 57 23.39 3.26 -23.51
N ILE H 58 23.48 4.32 -22.71
CA ILE H 58 22.39 4.70 -21.80
C ILE H 58 22.58 6.16 -21.43
N SER H 59 21.48 6.90 -21.39
CA SER H 59 21.53 8.29 -20.97
C SER H 59 21.57 8.39 -19.45
N SER H 60 21.92 9.57 -18.96
CA SER H 60 22.07 9.77 -17.52
C SER H 60 20.73 9.75 -16.79
N LYS H 61 19.64 10.11 -17.46
CA LYS H 61 18.33 10.07 -16.83
C LYS H 61 17.82 8.64 -16.70
N ALA H 62 18.03 7.83 -17.74
CA ALA H 62 17.75 6.40 -17.61
C ALA H 62 18.63 5.75 -16.56
N MET H 63 19.88 6.20 -16.45
CA MET H 63 20.75 5.69 -15.39
C MET H 63 20.24 6.07 -14.00
N GLY H 64 19.73 7.29 -13.85
CA GLY H 64 19.09 7.66 -12.60
C GLY H 64 17.89 6.79 -12.29
N ILE H 65 17.05 6.48 -13.29
CA ILE H 65 15.94 5.52 -13.14
C ILE H 65 16.49 4.18 -12.64
N MET H 66 17.57 3.69 -13.24
CA MET H 66 18.12 2.39 -12.85
C MET H 66 18.64 2.41 -11.41
N ASN H 67 19.28 3.51 -11.01
CA ASN H 67 19.74 3.65 -9.63
C ASN H 67 18.57 3.62 -8.66
N SER H 68 17.49 4.34 -8.98
CA SER H 68 16.31 4.31 -8.13
C SER H 68 15.74 2.90 -8.04
N PHE H 69 15.72 2.17 -9.16
CA PHE H 69 15.19 0.81 -9.16
C PHE H 69 16.01 -0.11 -8.26
N VAL H 70 17.35 -0.04 -8.38
CA VAL H 70 18.20 -0.90 -7.57
C VAL H 70 18.01 -0.58 -6.09
N ASN H 71 18.02 0.71 -5.72
CA ASN H 71 17.81 1.13 -4.35
C ASN H 71 16.44 0.66 -3.84
N ASP H 72 15.37 0.74 -4.63
CA ASP H 72 14.04 0.31 -4.19
C ASP H 72 14.00 -1.18 -3.94
N ILE H 73 14.54 -1.97 -4.87
CA ILE H 73 14.54 -3.42 -4.67
C ILE H 73 15.37 -3.81 -3.46
N PHE H 74 16.48 -3.11 -3.24
CA PHE H 74 17.30 -3.39 -2.05
C PHE H 74 16.50 -3.15 -0.78
N GLU H 75 15.82 -2.00 -0.68
CA GLU H 75 15.02 -1.67 0.49
C GLU H 75 13.94 -2.72 0.71
N ARG H 76 13.25 -3.15 -0.35
CA ARG H 76 12.18 -4.14 -0.21
C ARG H 76 12.72 -5.47 0.30
N ILE H 77 13.77 -5.99 -0.33
CA ILE H 77 14.32 -7.28 0.06
C ILE H 77 14.87 -7.24 1.48
N ALA H 78 15.61 -6.18 1.82
CA ALA H 78 16.20 -6.09 3.14
C ALA H 78 15.13 -5.97 4.24
N GLY H 79 14.08 -5.19 3.97
CA GLY H 79 13.00 -5.07 4.94
C GLY H 79 12.27 -6.39 5.16
N GLU H 80 11.99 -7.12 4.07
CA GLU H 80 11.34 -8.42 4.24
C GLU H 80 12.22 -9.39 5.00
N ALA H 81 13.54 -9.37 4.74
CA ALA H 81 14.45 -10.26 5.45
C ALA H 81 14.53 -9.89 6.94
N SER H 82 14.55 -8.60 7.25
CA SER H 82 14.53 -8.17 8.64
C SER H 82 13.25 -8.64 9.33
N ARG H 83 12.08 -8.53 8.68
CA ARG H 83 10.82 -9.06 9.21
C ARG H 83 10.92 -10.56 9.44
N LEU H 84 11.51 -11.31 8.51
CA LEU H 84 11.60 -12.76 8.65
C LEU H 84 12.47 -13.13 9.84
N ALA H 85 13.58 -12.41 10.04
CA ALA H 85 14.42 -12.65 11.20
C ALA H 85 13.68 -12.31 12.49
N HIS H 86 12.90 -11.22 12.49
CA HIS H 86 12.20 -10.82 13.71
C HIS H 86 11.09 -11.80 14.06
N TYR H 87 10.33 -12.30 13.07
CA TYR H 87 9.23 -13.25 13.30
C TYR H 87 9.73 -14.55 13.91
N ASN H 88 10.93 -15.00 13.54
CA ASN H 88 11.48 -16.26 14.01
C ASN H 88 12.46 -16.09 15.16
N LYS H 89 12.55 -14.88 15.72
CA LYS H 89 13.40 -14.58 16.89
C LYS H 89 14.87 -14.85 16.60
N ARG H 90 15.30 -14.54 15.39
CA ARG H 90 16.70 -14.67 14.98
C ARG H 90 17.34 -13.30 14.92
N SER H 91 18.62 -13.23 15.29
CA SER H 91 19.36 -11.98 15.28
C SER H 91 20.21 -11.80 14.02
N THR H 92 20.24 -12.77 13.13
CA THR H 92 21.11 -12.74 11.96
C THR H 92 20.31 -12.87 10.68
N ILE H 93 20.65 -12.04 9.70
CA ILE H 93 20.10 -12.13 8.35
C ILE H 93 21.09 -12.94 7.51
N THR H 94 20.68 -14.12 7.07
CA THR H 94 21.50 -15.04 6.30
C THR H 94 20.96 -15.14 4.88
N SER H 95 21.53 -16.06 4.10
CA SER H 95 21.05 -16.25 2.73
C SER H 95 19.68 -16.91 2.71
N ARG H 96 19.32 -17.66 3.76
CA ARG H 96 17.97 -18.22 3.84
C ARG H 96 16.92 -17.12 3.91
N GLU H 97 17.16 -16.10 4.73
CA GLU H 97 16.21 -14.98 4.83
C GLU H 97 16.11 -14.23 3.51
N ILE H 98 17.25 -14.00 2.84
CA ILE H 98 17.22 -13.33 1.55
C ILE H 98 16.42 -14.14 0.55
N GLN H 99 16.60 -15.46 0.53
CA GLN H 99 15.88 -16.30 -0.41
C GLN H 99 14.38 -16.28 -0.14
N THR H 100 13.98 -16.36 1.14
CA THR H 100 12.56 -16.29 1.47
C THR H 100 11.96 -14.93 1.10
N ALA H 101 12.71 -13.85 1.35
CA ALA H 101 12.23 -12.52 0.95
C ALA H 101 12.08 -12.43 -0.56
N VAL H 102 13.00 -13.05 -1.31
CA VAL H 102 12.90 -13.05 -2.76
C VAL H 102 11.66 -13.79 -3.22
N ARG H 103 11.36 -14.93 -2.59
CA ARG H 103 10.14 -15.67 -2.93
C ARG H 103 8.89 -14.91 -2.54
N LEU H 104 8.93 -14.15 -1.45
CA LEU H 104 7.77 -13.37 -1.05
C LEU H 104 7.54 -12.16 -1.96
N LEU H 105 8.61 -11.55 -2.47
CA LEU H 105 8.46 -10.30 -3.19
C LEU H 105 8.36 -10.47 -4.71
N LEU H 106 9.13 -11.39 -5.28
CA LEU H 106 9.16 -11.46 -6.74
C LEU H 106 8.07 -12.42 -7.24
N PRO H 107 7.39 -12.07 -8.32
CA PRO H 107 6.32 -12.94 -8.84
C PRO H 107 6.81 -13.97 -9.86
N GLY H 108 6.32 -15.20 -9.69
CA GLY H 108 6.37 -16.17 -10.77
C GLY H 108 7.77 -16.60 -11.16
N GLU H 109 8.05 -16.51 -12.46
CA GLU H 109 9.32 -16.98 -13.01
C GLU H 109 10.50 -16.10 -12.61
N LEU H 110 10.24 -14.80 -12.37
CA LEU H 110 11.29 -13.94 -11.86
C LEU H 110 11.86 -14.48 -10.55
N ALA H 111 10.98 -14.93 -9.65
CA ALA H 111 11.43 -15.49 -8.38
C ALA H 111 12.27 -16.74 -8.59
N LYS H 112 11.84 -17.65 -9.48
CA LYS H 112 12.54 -18.90 -9.77
C LYS H 112 13.94 -18.64 -10.33
N HIS H 113 14.07 -17.71 -11.26
CA HIS H 113 15.38 -17.40 -11.85
C HIS H 113 16.27 -16.64 -10.87
N ALA H 114 15.69 -15.73 -10.08
CA ALA H 114 16.48 -14.99 -9.10
C ALA H 114 17.02 -15.92 -8.01
N VAL H 115 16.19 -16.85 -7.53
CA VAL H 115 16.65 -17.83 -6.55
C VAL H 115 17.77 -18.68 -7.14
N SER H 116 17.62 -19.09 -8.39
CA SER H 116 18.67 -19.89 -9.04
C SER H 116 19.98 -19.11 -9.12
N GLU H 117 19.92 -17.84 -9.54
CA GLU H 117 21.12 -17.02 -9.65
C GLU H 117 21.78 -16.82 -8.29
N GLY H 118 20.99 -16.53 -7.26
CA GLY H 118 21.55 -16.34 -5.93
C GLY H 118 22.21 -17.59 -5.40
N THR H 119 21.55 -18.74 -5.58
CA THR H 119 22.14 -20.01 -5.15
C THR H 119 23.46 -20.29 -5.88
N LYS H 120 23.48 -20.04 -7.19
CA LYS H 120 24.71 -20.27 -7.94
C LYS H 120 25.84 -19.36 -7.46
N ALA H 121 25.53 -18.09 -7.21
CA ALA H 121 26.54 -17.15 -6.74
C ALA H 121 27.08 -17.57 -5.38
N VAL H 122 26.19 -17.97 -4.46
CA VAL H 122 26.65 -18.39 -3.13
C VAL H 122 27.50 -19.65 -3.23
N THR H 123 27.09 -20.61 -4.08
CA THR H 123 27.89 -21.82 -4.25
C THR H 123 29.28 -21.50 -4.79
N LYS H 124 29.37 -20.62 -5.79
CA LYS H 124 30.66 -20.23 -6.31
C LYS H 124 31.49 -19.50 -5.27
N TYR H 125 30.86 -18.67 -4.45
CA TYR H 125 31.58 -17.93 -3.42
C TYR H 125 32.15 -18.85 -2.35
N THR H 126 31.38 -19.87 -1.95
CA THR H 126 31.82 -20.76 -0.88
C THR H 126 33.04 -21.59 -1.26
N SER H 127 33.16 -21.98 -2.52
CA SER H 127 34.30 -22.73 -3.01
C SER H 127 35.54 -21.87 -3.24
N ALA H 128 35.48 -20.54 -3.14
CA ALA H 128 36.62 -19.67 -3.45
C ALA H 128 37.72 -19.73 -2.38
#